data_7AP4
#
_entry.id   7AP4
#
_cell.length_a   82.277
_cell.length_b   112.531
_cell.length_c   88.253
_cell.angle_alpha   90.000
_cell.angle_beta   104.860
_cell.angle_gamma   90.000
#
_symmetry.space_group_name_H-M   'P 1 21 1'
#
loop_
_entity.id
_entity.type
_entity.pdbx_description
1 polymer 'Aspartate--tRNA(Asp) ligase'
2 non-polymer '(3~{S})-3-azanyl-4-[[(2~{R},3~{S},4~{R},5~{R})-5-[7-azanyl-5-(hydroxymethyl)benzimidazol-1-yl]-3,4-bis(oxidanyl)oxolan-2-yl]methoxysulfonylamino]-4-oxidanylidene-butanoic acid'
3 water water
#
_entity_poly.entity_id   1
_entity_poly.type   'polypeptide(L)'
_entity_poly.pdbx_seq_one_letter_code
;GMRRTHYAGSLRETHVGEEVVLEGWVNRRRDLGGLIFLDLRDREGLVQLVAHPASPAYATAERVRPEWVVRAKGLVRLRP
EPNPRLATGRVEVELSALEVLAEAKTPPFPVDAGWRGEEEKEASEELRLKYRYLDLRRRRMQENLRLRHRVIKAIWDFLD
REGFVQVETPFLTKSTPEGARDFLVPYRHEPGLFYALPQSPQLFKQMLMVAGLDRYFQIARCFRDEDLRADRQPDFTQLD
LEMSFVEVEDVLELNERLMAHVFREALGVELPLPFPRLSYEEAMERYGSDKPDLRFGLELKEVGPLFRQSGFRVFQEAES
VKALALPKALSRKEVAELEEVAKRHKAQGLAWARVEEGGFSGGVAKFLEPVREALLQATEARPGDTLLFVAGPRKVAATA
LGAVRLRAADLLGLKREGFRFLWVVDFPLLEWDEEEEAWTYMHHPFTSPHPEDLPLLEKDPGRVRALAYDLVLNGVEVGG
GSIRIHDPRLQARVFRLLGIGEEEQREKFGFFLEALEYGAPPHGGIAWGLDRLLALMTGSPSIREVIAFPKNKEGKDPLT
GAPSPVPEEQLRELGLMVVRP
;
_entity_poly.pdbx_strand_id   A,B
#
# COMPACT_ATOMS: atom_id res chain seq x y z
N GLY A 1 -0.93 -26.80 -17.39
CA GLY A 1 -0.40 -25.41 -17.59
C GLY A 1 -1.35 -24.53 -18.37
N MET A 2 -0.87 -23.35 -18.74
CA MET A 2 -1.70 -22.41 -19.49
C MET A 2 -1.98 -22.93 -20.89
N ARG A 3 -3.12 -22.52 -21.45
CA ARG A 3 -3.46 -22.92 -22.81
C ARG A 3 -2.63 -22.15 -23.84
N ARG A 4 -2.45 -20.84 -23.63
CA ARG A 4 -1.71 -20.04 -24.58
C ARG A 4 -0.22 -20.35 -24.48
N THR A 5 0.44 -20.30 -25.64
CA THR A 5 1.88 -20.49 -25.69
C THR A 5 2.67 -19.19 -25.59
N HIS A 6 2.07 -18.06 -25.97
CA HIS A 6 2.75 -16.77 -25.97
C HIS A 6 1.72 -15.67 -25.77
N TYR A 7 2.22 -14.51 -25.33
CA TYR A 7 1.46 -13.28 -25.47
C TYR A 7 1.36 -12.93 -26.96
N ALA A 8 0.16 -12.52 -27.39
CA ALA A 8 -0.05 -12.20 -28.79
C ALA A 8 0.97 -11.19 -29.29
N GLY A 9 1.15 -10.10 -28.54
CA GLY A 9 2.03 -9.03 -28.97
C GLY A 9 3.51 -9.29 -28.83
N SER A 10 3.90 -10.48 -28.37
CA SER A 10 5.30 -10.82 -28.16
C SER A 10 5.89 -11.66 -29.30
N LEU A 11 5.11 -11.96 -30.33
CA LEU A 11 5.60 -12.79 -31.42
C LEU A 11 6.48 -11.96 -32.36
N ARG A 12 7.59 -12.57 -32.78
CA ARG A 12 8.57 -11.93 -33.66
C ARG A 12 8.98 -12.93 -34.73
N GLU A 13 9.88 -12.50 -35.62
CA GLU A 13 10.37 -13.38 -36.67
C GLU A 13 10.97 -14.65 -36.11
N THR A 14 11.52 -14.59 -34.89
CA THR A 14 12.12 -15.78 -34.28
C THR A 14 11.12 -16.89 -34.04
N HIS A 15 9.82 -16.63 -34.11
CA HIS A 15 8.79 -17.62 -33.84
C HIS A 15 8.22 -18.24 -35.11
N VAL A 16 8.76 -17.89 -36.29
CA VAL A 16 8.22 -18.43 -37.53
C VAL A 16 8.39 -19.95 -37.54
N GLY A 17 7.34 -20.64 -37.98
CA GLY A 17 7.33 -22.08 -38.04
C GLY A 17 6.72 -22.75 -36.83
N GLU A 18 6.61 -22.05 -35.70
CA GLU A 18 6.01 -22.63 -34.50
C GLU A 18 4.50 -22.55 -34.58
N GLU A 19 3.84 -23.56 -34.03
CA GLU A 19 2.40 -23.52 -33.82
C GLU A 19 2.13 -22.89 -32.46
N VAL A 20 1.25 -21.90 -32.43
CA VAL A 20 1.01 -21.09 -31.24
C VAL A 20 -0.47 -21.16 -30.88
N VAL A 21 -0.74 -20.92 -29.59
CA VAL A 21 -2.09 -20.75 -29.08
C VAL A 21 -2.14 -19.37 -28.43
N LEU A 22 -3.07 -18.53 -28.88
CA LEU A 22 -3.16 -17.15 -28.44
C LEU A 22 -4.57 -16.85 -27.94
N GLU A 23 -4.65 -15.96 -26.96
CA GLU A 23 -5.92 -15.52 -26.39
C GLU A 23 -5.90 -14.01 -26.23
N GLY A 24 -6.96 -13.36 -26.67
CA GLY A 24 -7.01 -11.91 -26.57
C GLY A 24 -8.31 -11.37 -27.11
N TRP A 25 -8.30 -10.07 -27.40
CA TRP A 25 -9.47 -9.36 -27.89
C TRP A 25 -9.29 -9.04 -29.38
N VAL A 26 -10.42 -9.00 -30.10
CA VAL A 26 -10.41 -8.65 -31.51
C VAL A 26 -10.29 -7.14 -31.63
N ASN A 27 -9.10 -6.67 -32.02
CA ASN A 27 -8.88 -5.23 -32.14
C ASN A 27 -9.56 -4.67 -33.39
N ARG A 28 -9.61 -5.45 -34.46
CA ARG A 28 -10.16 -4.99 -35.73
C ARG A 28 -10.23 -6.17 -36.69
N ARG A 29 -11.17 -6.10 -37.63
CA ARG A 29 -11.33 -7.11 -38.65
C ARG A 29 -11.32 -6.45 -40.03
N ARG A 30 -10.67 -7.10 -40.98
CA ARG A 30 -10.63 -6.63 -42.36
C ARG A 30 -10.84 -7.81 -43.30
N ASP A 31 -11.70 -7.62 -44.30
CA ASP A 31 -11.90 -8.58 -45.37
C ASP A 31 -11.28 -8.01 -46.65
N LEU A 32 -10.27 -8.70 -47.18
CA LEU A 32 -9.52 -8.22 -48.32
C LEU A 32 -9.20 -9.38 -49.25
N GLY A 33 -9.62 -9.26 -50.50
CA GLY A 33 -9.30 -10.24 -51.52
C GLY A 33 -9.63 -11.67 -51.14
N GLY A 34 -10.70 -11.84 -50.35
CA GLY A 34 -11.10 -13.15 -49.89
C GLY A 34 -10.45 -13.60 -48.60
N LEU A 35 -9.40 -12.93 -48.15
CA LEU A 35 -8.78 -13.22 -46.87
C LEU A 35 -9.43 -12.42 -45.77
N ILE A 36 -9.48 -13.00 -44.57
CA ILE A 36 -10.02 -12.35 -43.39
C ILE A 36 -8.83 -12.07 -42.46
N PHE A 37 -8.59 -10.79 -42.18
CA PHE A 37 -7.49 -10.36 -41.32
C PHE A 37 -8.06 -9.94 -39.98
N LEU A 38 -7.60 -10.60 -38.92
CA LEU A 38 -7.97 -10.26 -37.55
C LEU A 38 -6.75 -9.75 -36.80
N ASP A 39 -6.86 -8.57 -36.21
CA ASP A 39 -5.84 -8.04 -35.31
C ASP A 39 -6.16 -8.52 -33.90
N LEU A 40 -5.36 -9.47 -33.40
CA LEU A 40 -5.55 -10.00 -32.05
C LEU A 40 -4.73 -9.19 -31.06
N ARG A 41 -5.38 -8.78 -29.96
CA ARG A 41 -4.79 -7.85 -29.01
C ARG A 41 -4.69 -8.49 -27.62
N ASP A 42 -3.53 -8.29 -26.99
CA ASP A 42 -3.41 -8.44 -25.54
C ASP A 42 -2.42 -7.38 -25.07
N ARG A 43 -2.07 -7.42 -23.78
CA ARG A 43 -1.33 -6.31 -23.18
C ARG A 43 0.02 -6.08 -23.85
N GLU A 44 0.60 -7.09 -24.48
CA GLU A 44 1.91 -6.96 -25.11
C GLU A 44 1.83 -6.43 -26.54
N GLY A 45 0.64 -6.23 -27.10
CA GLY A 45 0.49 -5.63 -28.41
C GLY A 45 -0.36 -6.48 -29.33
N LEU A 46 -0.37 -6.10 -30.60
CA LEU A 46 -1.19 -6.73 -31.63
C LEU A 46 -0.39 -7.76 -32.42
N VAL A 47 -1.12 -8.72 -32.98
CA VAL A 47 -0.56 -9.66 -33.96
C VAL A 47 -1.64 -9.96 -34.98
N GLN A 48 -1.25 -10.07 -36.24
CA GLN A 48 -2.20 -10.29 -37.32
C GLN A 48 -2.51 -11.77 -37.44
N LEU A 49 -3.80 -12.11 -37.38
CA LEU A 49 -4.28 -13.45 -37.68
C LEU A 49 -4.90 -13.44 -39.07
N VAL A 50 -4.63 -14.50 -39.84
CA VAL A 50 -5.09 -14.61 -41.22
C VAL A 50 -5.91 -15.89 -41.35
N ALA A 51 -7.18 -15.76 -41.72
CA ALA A 51 -8.05 -16.89 -42.00
C ALA A 51 -8.20 -17.02 -43.51
N HIS A 52 -7.81 -18.17 -44.05
CA HIS A 52 -7.92 -18.42 -45.47
C HIS A 52 -9.21 -19.17 -45.80
N PRO A 53 -9.73 -19.01 -47.02
CA PRO A 53 -11.00 -19.68 -47.36
C PRO A 53 -11.03 -21.17 -47.05
N ALA A 54 -9.89 -21.85 -47.17
CA ALA A 54 -9.82 -23.28 -46.91
C ALA A 54 -9.73 -23.61 -45.43
N SER A 55 -9.55 -22.63 -44.55
CA SER A 55 -9.28 -22.92 -43.16
C SER A 55 -10.57 -23.26 -42.41
N PRO A 56 -10.52 -24.23 -41.48
CA PRO A 56 -11.71 -24.52 -40.66
C PRO A 56 -12.25 -23.31 -39.92
N ALA A 57 -11.42 -22.31 -39.64
CA ALA A 57 -11.84 -21.13 -38.88
C ALA A 57 -12.37 -20.01 -39.78
N TYR A 58 -12.54 -20.26 -41.06
CA TYR A 58 -12.93 -19.20 -41.98
C TYR A 58 -14.28 -18.60 -41.59
N ALA A 59 -15.29 -19.45 -41.41
CA ALA A 59 -16.62 -18.96 -41.07
C ALA A 59 -16.59 -18.22 -39.73
N THR A 60 -15.98 -18.83 -38.72
CA THR A 60 -15.87 -18.17 -37.42
C THR A 60 -15.23 -16.79 -37.54
N ALA A 61 -14.08 -16.73 -38.21
CA ALA A 61 -13.37 -15.46 -38.36
C ALA A 61 -14.24 -14.41 -39.02
N GLU A 62 -15.20 -14.84 -39.86
CA GLU A 62 -16.05 -13.89 -40.57
C GLU A 62 -17.10 -13.26 -39.65
N ARG A 63 -17.54 -13.98 -38.62
CA ARG A 63 -18.63 -13.50 -37.78
C ARG A 63 -18.15 -12.76 -36.53
N VAL A 64 -16.88 -12.90 -36.14
CA VAL A 64 -16.41 -12.19 -34.96
C VAL A 64 -16.43 -10.69 -35.21
N ARG A 65 -16.55 -9.93 -34.14
CA ARG A 65 -16.66 -8.48 -34.17
C ARG A 65 -15.69 -7.88 -33.16
N PRO A 66 -15.44 -6.57 -33.23
CA PRO A 66 -14.44 -5.97 -32.36
C PRO A 66 -14.72 -6.22 -30.89
N GLU A 67 -13.63 -6.40 -30.13
CA GLU A 67 -13.62 -6.57 -28.68
C GLU A 67 -14.15 -7.93 -28.23
N TRP A 68 -14.58 -8.79 -29.15
CA TRP A 68 -14.86 -10.17 -28.78
C TRP A 68 -13.59 -10.83 -28.26
N VAL A 69 -13.73 -11.65 -27.24
CA VAL A 69 -12.62 -12.41 -26.70
C VAL A 69 -12.56 -13.76 -27.40
N VAL A 70 -11.38 -14.13 -27.89
CA VAL A 70 -11.21 -15.32 -28.70
C VAL A 70 -9.92 -16.02 -28.31
N ARG A 71 -9.89 -17.34 -28.56
CA ARG A 71 -8.66 -18.12 -28.54
C ARG A 71 -8.33 -18.56 -29.96
N ALA A 72 -7.11 -18.28 -30.40
CA ALA A 72 -6.68 -18.57 -31.75
C ALA A 72 -5.53 -19.57 -31.74
N LYS A 73 -5.52 -20.43 -32.76
CA LYS A 73 -4.45 -21.39 -32.98
C LYS A 73 -4.05 -21.33 -34.45
N GLY A 74 -2.75 -21.38 -34.70
CA GLY A 74 -2.27 -21.28 -36.06
C GLY A 74 -0.77 -21.39 -36.13
N LEU A 75 -0.25 -21.20 -37.34
CA LEU A 75 1.17 -21.29 -37.62
C LEU A 75 1.72 -19.89 -37.84
N VAL A 76 2.85 -19.59 -37.22
CA VAL A 76 3.48 -18.27 -37.36
C VAL A 76 4.18 -18.20 -38.70
N ARG A 77 3.84 -17.18 -39.49
CA ARG A 77 4.39 -16.99 -40.82
C ARG A 77 4.98 -15.58 -40.92
N LEU A 78 5.90 -15.41 -41.87
CA LEU A 78 6.32 -14.08 -42.26
C LEU A 78 5.21 -13.41 -43.06
N ARG A 79 4.99 -12.12 -42.81
CA ARG A 79 4.15 -11.35 -43.71
C ARG A 79 4.86 -11.17 -45.05
N PRO A 80 4.11 -11.04 -46.14
CA PRO A 80 4.76 -10.70 -47.42
C PRO A 80 5.48 -9.36 -47.35
N GLU A 81 4.84 -8.36 -46.75
CA GLU A 81 5.46 -7.07 -46.49
C GLU A 81 5.28 -6.74 -45.01
N PRO A 82 6.34 -6.41 -44.28
CA PRO A 82 6.19 -6.12 -42.86
C PRO A 82 5.52 -4.77 -42.62
N ASN A 83 4.84 -4.67 -41.48
CA ASN A 83 4.26 -3.41 -41.02
C ASN A 83 5.11 -2.91 -39.86
N PRO A 84 6.08 -2.01 -40.10
CA PRO A 84 7.01 -1.64 -39.03
C PRO A 84 6.36 -0.90 -37.87
N ARG A 85 5.10 -0.50 -37.98
CA ARG A 85 4.41 0.15 -36.88
C ARG A 85 3.93 -0.83 -35.83
N LEU A 86 4.12 -2.13 -36.04
CA LEU A 86 3.84 -3.15 -35.05
C LEU A 86 5.12 -3.89 -34.70
N ALA A 87 5.33 -4.14 -33.41
CA ALA A 87 6.47 -4.94 -33.00
C ALA A 87 6.38 -6.36 -33.56
N THR A 88 5.17 -6.86 -33.78
CA THR A 88 4.96 -8.12 -34.47
C THR A 88 4.87 -7.94 -35.98
N GLY A 89 5.28 -6.78 -36.49
CA GLY A 89 4.99 -6.41 -37.86
C GLY A 89 5.54 -7.34 -38.91
N ARG A 90 6.58 -8.11 -38.59
CA ARG A 90 7.17 -8.99 -39.59
C ARG A 90 6.40 -10.29 -39.77
N VAL A 91 5.55 -10.67 -38.82
CA VAL A 91 4.95 -12.00 -38.80
C VAL A 91 3.43 -11.89 -38.79
N GLU A 92 2.80 -13.04 -38.99
CA GLU A 92 1.35 -13.19 -38.90
C GLU A 92 1.08 -14.65 -38.54
N VAL A 93 -0.16 -14.95 -38.19
CA VAL A 93 -0.57 -16.29 -37.78
C VAL A 93 -1.61 -16.80 -38.77
N GLU A 94 -1.29 -17.86 -39.49
CA GLU A 94 -2.24 -18.51 -40.38
C GLU A 94 -3.18 -19.34 -39.53
N LEU A 95 -4.45 -18.96 -39.49
CA LEU A 95 -5.39 -19.57 -38.56
C LEU A 95 -5.76 -20.99 -38.99
N SER A 96 -5.62 -21.93 -38.07
CA SER A 96 -6.23 -23.25 -38.21
C SER A 96 -7.47 -23.42 -37.34
N ALA A 97 -7.60 -22.62 -36.27
CA ALA A 97 -8.74 -22.70 -35.37
C ALA A 97 -8.98 -21.33 -34.76
N LEU A 98 -10.26 -21.03 -34.52
CA LEU A 98 -10.66 -19.79 -33.88
C LEU A 98 -11.89 -20.07 -33.03
N GLU A 99 -11.83 -19.69 -31.75
CA GLU A 99 -12.83 -20.04 -30.76
C GLU A 99 -13.29 -18.78 -30.05
N VAL A 100 -14.59 -18.53 -30.07
CA VAL A 100 -15.15 -17.35 -29.39
C VAL A 100 -15.34 -17.69 -27.92
N LEU A 101 -14.68 -16.93 -27.05
CA LEU A 101 -14.85 -17.09 -25.61
C LEU A 101 -15.82 -16.10 -25.00
N ALA A 102 -16.04 -14.96 -25.66
CA ALA A 102 -17.00 -13.98 -25.15
C ALA A 102 -17.29 -12.92 -26.21
N GLU A 103 -18.56 -12.67 -26.47
CA GLU A 103 -18.97 -11.60 -27.36
C GLU A 103 -19.05 -10.29 -26.58
N ALA A 104 -19.11 -9.18 -27.30
CA ALA A 104 -19.03 -7.87 -26.66
C ALA A 104 -19.91 -6.87 -27.38
N LYS A 105 -20.57 -6.03 -26.59
CA LYS A 105 -21.29 -4.88 -27.13
C LYS A 105 -20.31 -3.91 -27.80
N THR A 106 -20.84 -3.10 -28.70
CA THR A 106 -20.05 -2.03 -29.31
C THR A 106 -19.62 -1.03 -28.24
N PRO A 107 -18.32 -0.83 -28.02
CA PRO A 107 -17.90 0.11 -26.99
C PRO A 107 -18.39 1.51 -27.31
N PRO A 108 -18.59 2.35 -26.29
CA PRO A 108 -19.02 3.74 -26.55
C PRO A 108 -17.92 4.63 -27.09
N PHE A 109 -16.67 4.16 -27.09
CA PHE A 109 -15.56 4.88 -27.69
C PHE A 109 -14.53 3.86 -28.15
N PRO A 110 -13.67 4.20 -29.09
CA PRO A 110 -12.70 3.23 -29.61
C PRO A 110 -11.48 3.09 -28.72
N VAL A 111 -10.91 1.89 -28.72
CA VAL A 111 -9.74 1.58 -27.92
C VAL A 111 -8.69 0.89 -28.78
N ASP A 112 -8.88 0.89 -30.09
CA ASP A 112 -8.06 0.09 -30.99
C ASP A 112 -6.92 0.88 -31.64
N ALA A 113 -7.07 2.20 -31.81
CA ALA A 113 -6.14 2.96 -32.64
C ALA A 113 -4.74 2.97 -32.04
N GLY A 114 -4.63 3.28 -30.74
CA GLY A 114 -3.32 3.38 -30.13
C GLY A 114 -2.46 2.14 -30.31
N TRP A 115 -3.09 0.97 -30.31
CA TRP A 115 -2.33 -0.27 -30.45
C TRP A 115 -1.77 -0.46 -31.85
N ARG A 116 -2.29 0.28 -32.84
CA ARG A 116 -1.72 0.29 -34.18
C ARG A 116 -0.67 1.38 -34.35
N GLY A 117 -0.41 2.17 -33.31
CA GLY A 117 0.49 3.30 -33.45
C GLY A 117 -0.16 4.53 -34.04
N GLU A 118 -1.48 4.66 -33.95
CA GLU A 118 -2.21 5.77 -34.53
C GLU A 118 -2.68 6.72 -33.44
N GLU A 119 -2.85 7.98 -33.80
CA GLU A 119 -3.36 8.97 -32.87
C GLU A 119 -4.79 8.64 -32.47
N GLU A 120 -5.13 8.93 -31.22
CA GLU A 120 -6.45 8.65 -30.67
C GLU A 120 -7.19 9.96 -30.46
N LYS A 121 -8.41 10.04 -30.99
CA LYS A 121 -9.22 11.23 -30.80
C LYS A 121 -9.62 11.38 -29.33
N GLU A 122 -9.56 12.61 -28.83
CA GLU A 122 -9.91 12.86 -27.44
C GLU A 122 -11.39 12.53 -27.20
N ALA A 123 -11.64 11.80 -26.13
CA ALA A 123 -12.99 11.39 -25.75
C ALA A 123 -13.39 12.06 -24.43
N SER A 124 -14.69 12.24 -24.25
CA SER A 124 -15.20 12.82 -23.02
C SER A 124 -14.68 12.07 -21.81
N GLU A 125 -14.01 12.79 -20.91
CA GLU A 125 -13.40 12.13 -19.76
C GLU A 125 -14.46 11.52 -18.84
N GLU A 126 -15.59 12.21 -18.67
CA GLU A 126 -16.67 11.63 -17.89
C GLU A 126 -17.12 10.30 -18.48
N LEU A 127 -17.21 10.23 -19.80
CA LEU A 127 -17.51 8.96 -20.46
C LEU A 127 -16.38 7.96 -20.27
N ARG A 128 -15.13 8.43 -20.33
CA ARG A 128 -14.00 7.55 -20.08
C ARG A 128 -14.04 7.00 -18.66
N LEU A 129 -14.35 7.86 -17.68
CA LEU A 129 -14.40 7.41 -16.30
C LEU A 129 -15.59 6.47 -16.07
N LYS A 130 -16.75 6.79 -16.65
CA LYS A 130 -17.92 5.92 -16.49
C LYS A 130 -17.61 4.52 -17.00
N TYR A 131 -16.87 4.41 -18.10
CA TYR A 131 -16.46 3.11 -18.63
C TYR A 131 -14.95 2.97 -18.51
N ARG A 132 -14.42 3.20 -17.31
CA ARG A 132 -12.98 3.20 -17.11
C ARG A 132 -12.36 1.86 -17.48
N TYR A 133 -13.06 0.76 -17.19
CA TYR A 133 -12.54 -0.55 -17.53
C TYR A 133 -12.33 -0.72 -19.03
N LEU A 134 -13.02 0.07 -19.85
CA LEU A 134 -12.75 0.10 -21.28
C LEU A 134 -11.67 1.11 -21.62
N ASP A 135 -11.67 2.25 -20.94
CA ASP A 135 -10.61 3.23 -21.16
C ASP A 135 -9.24 2.63 -20.86
N LEU A 136 -9.16 1.76 -19.84
CA LEU A 136 -7.89 1.14 -19.48
C LEU A 136 -7.45 0.08 -20.48
N ARG A 137 -8.27 -0.25 -21.49
CA ARG A 137 -7.80 -1.12 -22.57
C ARG A 137 -6.86 -0.39 -23.51
N ARG A 138 -6.95 0.94 -23.58
CA ARG A 138 -6.10 1.71 -24.48
C ARG A 138 -4.62 1.53 -24.12
N ARG A 139 -3.78 1.57 -25.15
CA ARG A 139 -2.35 1.38 -24.94
C ARG A 139 -1.78 2.43 -24.01
N ARG A 140 -2.18 3.70 -24.20
CA ARG A 140 -1.63 4.78 -23.40
C ARG A 140 -1.90 4.57 -21.91
N MET A 141 -3.10 4.11 -21.56
CA MET A 141 -3.44 3.93 -20.15
C MET A 141 -2.68 2.75 -19.55
N GLN A 142 -2.52 1.68 -20.32
CA GLN A 142 -1.78 0.53 -19.80
C GLN A 142 -0.29 0.85 -19.66
N GLU A 143 0.24 1.70 -20.54
CA GLU A 143 1.64 2.11 -20.39
C GLU A 143 1.83 2.95 -19.14
N ASN A 144 0.90 3.86 -18.86
CA ASN A 144 0.97 4.66 -17.64
C ASN A 144 0.94 3.76 -16.40
N LEU A 145 -0.03 2.84 -16.34
CA LEU A 145 -0.16 1.99 -15.17
C LEU A 145 1.05 1.08 -15.01
N ARG A 146 1.63 0.61 -16.11
CA ARG A 146 2.80 -0.24 -16.02
C ARG A 146 4.06 0.55 -15.67
N LEU A 147 4.14 1.81 -16.10
CA LEU A 147 5.22 2.67 -15.61
C LEU A 147 5.11 2.87 -14.10
N ARG A 148 3.89 3.12 -13.62
CA ARG A 148 3.69 3.27 -12.18
C ARG A 148 4.18 2.03 -11.43
N HIS A 149 3.94 0.85 -11.98
CA HIS A 149 4.49 -0.37 -11.40
C HIS A 149 6.00 -0.31 -11.36
N ARG A 150 6.64 -0.02 -12.49
CA ARG A 150 8.10 -0.02 -12.55
C ARG A 150 8.70 1.01 -11.61
N VAL A 151 8.02 2.15 -11.42
CA VAL A 151 8.52 3.17 -10.51
C VAL A 151 8.50 2.66 -9.07
N ILE A 152 7.37 2.10 -8.64
CA ILE A 152 7.26 1.64 -7.25
C ILE A 152 8.21 0.47 -6.99
N LYS A 153 8.33 -0.44 -7.95
CA LYS A 153 9.27 -1.55 -7.78
C LYS A 153 10.71 -1.03 -7.68
N ALA A 154 11.04 0.00 -8.47
CA ALA A 154 12.38 0.56 -8.40
C ALA A 154 12.63 1.23 -7.05
N ILE A 155 11.60 1.89 -6.50
CA ILE A 155 11.72 2.48 -5.16
C ILE A 155 11.98 1.39 -4.13
N TRP A 156 11.25 0.28 -4.23
CA TRP A 156 11.45 -0.84 -3.29
C TRP A 156 12.86 -1.38 -3.39
N ASP A 157 13.34 -1.64 -4.61
CA ASP A 157 14.68 -2.20 -4.79
C ASP A 157 15.74 -1.28 -4.18
N PHE A 158 15.66 0.01 -4.49
CA PHE A 158 16.69 0.94 -4.04
C PHE A 158 16.66 1.08 -2.52
N LEU A 159 15.51 1.44 -1.95
CA LEU A 159 15.43 1.70 -0.52
C LEU A 159 15.69 0.44 0.30
N ASP A 160 15.32 -0.73 -0.23
CA ASP A 160 15.66 -1.98 0.45
C ASP A 160 17.17 -2.19 0.48
N ARG A 161 17.85 -1.83 -0.61
CA ARG A 161 19.31 -1.98 -0.65
C ARG A 161 19.98 -0.98 0.29
N GLU A 162 19.37 0.19 0.51
CA GLU A 162 19.94 1.22 1.37
C GLU A 162 19.54 1.04 2.83
N GLY A 163 18.86 -0.05 3.17
CA GLY A 163 18.57 -0.37 4.55
C GLY A 163 17.26 0.14 5.09
N PHE A 164 16.35 0.61 4.25
CA PHE A 164 15.07 1.11 4.70
C PHE A 164 14.11 -0.04 4.99
N VAL A 165 13.27 0.16 6.00
CA VAL A 165 12.24 -0.80 6.38
C VAL A 165 10.89 -0.23 5.98
N GLN A 166 10.19 -0.94 5.10
CA GLN A 166 8.83 -0.56 4.77
C GLN A 166 7.90 -0.92 5.92
N VAL A 167 7.13 0.06 6.38
CA VAL A 167 6.22 -0.12 7.51
C VAL A 167 4.88 0.50 7.13
N GLU A 168 3.82 -0.29 7.24
CA GLU A 168 2.47 0.17 6.95
C GLU A 168 1.87 0.78 8.21
N THR A 169 1.27 1.96 8.05
CA THR A 169 0.71 2.73 9.15
C THR A 169 -0.82 2.75 9.08
N PRO A 170 -1.48 3.17 10.15
CA PRO A 170 -2.94 3.03 10.21
C PRO A 170 -3.68 3.88 9.19
N PHE A 171 -4.83 3.35 8.75
CA PHE A 171 -5.80 4.11 7.99
C PHE A 171 -6.95 4.63 8.85
N LEU A 172 -7.18 4.03 10.02
CA LEU A 172 -8.19 4.48 10.96
C LEU A 172 -7.46 5.11 12.14
N THR A 173 -7.49 6.44 12.21
CA THR A 173 -6.70 7.16 13.21
C THR A 173 -7.53 8.25 13.89
N LYS A 174 -6.85 9.16 14.57
CA LYS A 174 -7.52 10.16 15.41
C LYS A 174 -7.86 11.40 14.59
N SER A 175 -9.11 11.84 14.68
CA SER A 175 -9.49 13.13 14.10
C SER A 175 -8.96 14.25 14.97
N THR A 176 -8.40 15.27 14.33
CA THR A 176 -7.82 16.41 15.01
C THR A 176 -8.22 17.68 14.28
N PRO A 177 -8.23 18.83 14.97
CA PRO A 177 -8.57 20.11 14.34
C PRO A 177 -7.46 20.63 13.44
N ALA A 180 -6.07 20.38 7.86
CA ALA A 180 -7.16 20.33 6.88
C ALA A 180 -8.30 19.46 7.40
N ARG A 181 -9.47 19.50 6.74
CA ARG A 181 -10.68 18.77 7.21
C ARG A 181 -10.50 17.28 6.99
N ASP A 182 -10.86 16.47 7.96
CA ASP A 182 -10.68 15.00 7.98
C ASP A 182 -11.88 14.28 7.39
N PHE A 183 -11.67 13.25 6.58
CA PHE A 183 -12.75 12.33 6.17
C PHE A 183 -13.00 11.53 7.46
N LEU A 184 -14.24 11.32 7.90
CA LEU A 184 -14.60 10.63 9.14
C LEU A 184 -15.22 9.28 8.83
N VAL A 185 -15.09 8.37 9.80
CA VAL A 185 -15.64 7.02 9.71
C VAL A 185 -16.40 6.74 11.01
N PRO A 186 -17.72 6.58 10.97
CA PRO A 186 -18.47 6.36 12.22
C PRO A 186 -18.05 5.06 12.91
N TYR A 187 -18.01 5.12 14.24
CA TYR A 187 -17.72 3.97 15.09
C TYR A 187 -19.05 3.39 15.54
N ARG A 188 -19.39 2.21 15.00
CA ARG A 188 -20.74 1.67 15.16
C ARG A 188 -21.10 1.47 16.63
N HIS A 189 -20.17 0.94 17.42
CA HIS A 189 -20.52 0.48 18.76
C HIS A 189 -20.79 1.61 19.73
N GLU A 190 -20.40 2.85 19.41
CA GLU A 190 -20.64 4.01 20.26
C GLU A 190 -20.96 5.20 19.36
N PRO A 191 -22.22 5.35 18.94
CA PRO A 191 -22.57 6.49 18.09
C PRO A 191 -22.09 7.81 18.67
N GLY A 192 -21.54 8.64 17.80
CA GLY A 192 -20.92 9.88 18.20
C GLY A 192 -19.40 9.85 18.18
N LEU A 193 -18.81 8.67 18.13
CA LEU A 193 -17.36 8.52 17.99
C LEU A 193 -17.01 8.21 16.55
N PHE A 194 -15.86 8.71 16.11
CA PHE A 194 -15.43 8.59 14.73
C PHE A 194 -13.95 8.31 14.65
N TYR A 195 -13.57 7.45 13.71
CA TYR A 195 -12.20 7.45 13.23
C TYR A 195 -12.03 8.58 12.21
N ALA A 196 -10.78 8.78 11.80
CA ALA A 196 -10.46 9.68 10.69
C ALA A 196 -9.48 8.98 9.77
N LEU A 197 -9.64 9.21 8.48
CA LEU A 197 -8.61 8.77 7.56
C LEU A 197 -7.40 9.70 7.67
N PRO A 198 -6.19 9.17 7.50
CA PRO A 198 -5.00 9.97 7.79
C PRO A 198 -4.75 11.05 6.76
N GLN A 199 -4.43 12.25 7.25
CA GLN A 199 -3.94 13.31 6.37
C GLN A 199 -2.57 12.97 5.82
N SER A 200 -1.73 12.31 6.61
CA SER A 200 -0.43 11.82 6.20
C SER A 200 0.09 10.90 7.31
N PRO A 201 1.15 10.13 7.06
CA PRO A 201 1.74 9.29 8.11
C PRO A 201 2.71 10.01 9.03
N GLN A 202 2.77 11.35 8.98
CA GLN A 202 3.80 12.12 9.66
C GLN A 202 4.08 11.62 11.08
N LEU A 203 3.08 11.72 11.97
CA LEU A 203 3.32 11.39 13.37
C LEU A 203 3.73 9.93 13.53
N PHE A 204 3.15 9.03 12.74
CA PHE A 204 3.48 7.63 12.86
C PHE A 204 4.91 7.35 12.42
N LYS A 205 5.38 8.02 11.37
CA LYS A 205 6.75 7.76 10.90
C LYS A 205 7.78 8.38 11.84
N GLN A 206 7.46 9.52 12.45
CA GLN A 206 8.35 10.07 13.47
C GLN A 206 8.44 9.15 14.67
N MET A 207 7.31 8.52 15.04
CA MET A 207 7.33 7.58 16.15
C MET A 207 8.14 6.34 15.81
N LEU A 208 8.17 5.94 14.53
CA LEU A 208 9.01 4.82 14.14
C LEU A 208 10.49 5.16 14.29
N MET A 209 10.85 6.44 14.11
CA MET A 209 12.21 6.86 14.42
C MET A 209 12.47 6.79 15.92
N VAL A 210 11.49 7.18 16.72
CA VAL A 210 11.62 7.06 18.18
C VAL A 210 11.75 5.61 18.58
N ALA A 211 11.18 4.69 17.80
CA ALA A 211 11.25 3.26 18.09
C ALA A 211 12.57 2.64 17.68
N GLY A 212 13.46 3.39 17.04
CA GLY A 212 14.78 2.91 16.70
C GLY A 212 14.90 2.13 15.41
N LEU A 213 13.92 2.23 14.50
CA LEU A 213 14.02 1.55 13.23
C LEU A 213 14.98 2.23 12.25
N ASP A 214 15.41 3.46 12.56
CA ASP A 214 16.48 4.15 11.85
C ASP A 214 16.03 4.72 10.50
N ARG A 215 15.42 3.90 9.65
CA ARG A 215 14.99 4.41 8.35
C ARG A 215 13.78 3.63 7.87
N TYR A 216 12.76 4.35 7.40
CA TYR A 216 11.47 3.80 7.06
C TYR A 216 11.00 4.38 5.73
N PHE A 217 10.15 3.63 5.04
CA PHE A 217 9.44 4.18 3.89
C PHE A 217 8.11 3.47 3.74
N GLN A 218 7.24 4.08 2.93
CA GLN A 218 5.90 3.57 2.72
C GLN A 218 5.32 4.26 1.49
N ILE A 219 4.67 3.48 0.62
CA ILE A 219 3.81 4.04 -0.41
C ILE A 219 2.47 4.30 0.26
N ALA A 220 2.29 5.52 0.77
CA ALA A 220 1.20 5.84 1.67
C ALA A 220 0.07 6.53 0.93
N ARG A 221 -1.16 6.24 1.35
CA ARG A 221 -2.34 6.91 0.84
C ARG A 221 -2.77 7.97 1.85
N CYS A 222 -3.00 9.18 1.36
CA CYS A 222 -3.40 10.31 2.19
C CYS A 222 -4.79 10.77 1.79
N PHE A 223 -5.55 11.26 2.77
CA PHE A 223 -6.94 11.63 2.59
C PHE A 223 -7.15 13.04 3.15
N ARG A 224 -7.62 13.95 2.30
CA ARG A 224 -7.82 15.34 2.70
C ARG A 224 -9.10 15.84 2.02
N ASP A 225 -10.12 16.13 2.81
CA ASP A 225 -11.42 16.58 2.30
C ASP A 225 -11.39 18.10 2.17
N GLU A 226 -10.73 18.56 1.11
CA GLU A 226 -10.60 19.98 0.84
C GLU A 226 -10.99 20.25 -0.61
N ASP A 227 -10.87 21.52 -1.01
CA ASP A 227 -11.19 21.92 -2.37
C ASP A 227 -10.46 21.04 -3.38
N LEU A 228 -11.21 20.44 -4.30
CA LEU A 228 -10.65 19.54 -5.30
C LEU A 228 -10.24 20.24 -6.58
N ARG A 229 -10.52 21.54 -6.71
CA ARG A 229 -9.99 22.29 -7.83
C ARG A 229 -8.46 22.18 -7.85
N ALA A 230 -7.87 22.57 -8.98
CA ALA A 230 -6.44 22.46 -9.20
C ALA A 230 -6.01 21.01 -9.41
N ASP A 231 -6.90 20.19 -9.97
CA ASP A 231 -6.58 18.80 -10.32
C ASP A 231 -6.22 18.00 -9.08
N ARG A 232 -7.09 18.07 -8.06
CA ARG A 232 -6.89 17.36 -6.82
C ARG A 232 -7.90 16.22 -6.68
N GLN A 233 -7.45 15.14 -6.04
CA GLN A 233 -8.27 13.98 -5.73
C GLN A 233 -8.53 13.89 -4.23
N PRO A 234 -9.64 13.28 -3.81
CA PRO A 234 -9.90 13.18 -2.37
C PRO A 234 -8.81 12.44 -1.62
N ASP A 235 -8.25 11.40 -2.23
CA ASP A 235 -7.12 10.68 -1.69
C ASP A 235 -6.03 10.57 -2.75
N PHE A 236 -4.78 10.57 -2.30
CA PHE A 236 -3.65 10.55 -3.22
C PHE A 236 -2.53 9.74 -2.59
N THR A 237 -1.52 9.44 -3.41
CA THR A 237 -0.45 8.54 -3.03
C THR A 237 0.84 9.33 -2.83
N GLN A 238 1.52 9.07 -1.72
CA GLN A 238 2.84 9.62 -1.45
C GLN A 238 3.84 8.50 -1.31
N LEU A 239 5.05 8.71 -1.83
CA LEU A 239 6.22 8.01 -1.31
C LEU A 239 6.67 8.75 -0.06
N ASP A 240 6.62 8.09 1.08
CA ASP A 240 6.89 8.69 2.36
C ASP A 240 8.05 7.96 3.01
N LEU A 241 9.06 8.70 3.46
CA LEU A 241 10.21 8.07 4.11
C LEU A 241 10.76 8.98 5.20
N GLU A 242 11.49 8.37 6.13
CA GLU A 242 12.06 9.06 7.27
C GLU A 242 13.38 8.40 7.63
N MET A 243 14.33 9.21 8.10
CA MET A 243 15.67 8.73 8.44
C MET A 243 16.11 9.32 9.76
N SER A 244 16.97 8.58 10.45
CA SER A 244 17.51 8.98 11.74
C SER A 244 18.96 9.42 11.60
N PHE A 245 19.38 10.32 12.49
CA PHE A 245 20.77 10.77 12.56
C PHE A 245 21.24 11.35 11.24
N VAL A 246 20.44 12.27 10.68
CA VAL A 246 20.70 12.85 9.37
C VAL A 246 20.66 14.37 9.47
N GLU A 247 21.44 15.01 8.60
CA GLU A 247 21.31 16.42 8.32
C GLU A 247 20.59 16.59 6.98
N VAL A 248 20.27 17.84 6.64
CA VAL A 248 19.61 18.11 5.37
C VAL A 248 20.38 17.47 4.23
N GLU A 249 21.69 17.65 4.23
CA GLU A 249 22.52 17.08 3.16
C GLU A 249 22.24 15.60 2.95
N ASP A 250 22.14 14.84 4.05
CA ASP A 250 21.96 13.39 3.93
C ASP A 250 20.64 13.06 3.23
N VAL A 251 19.56 13.77 3.57
CA VAL A 251 18.27 13.48 2.97
C VAL A 251 18.28 13.81 1.48
N LEU A 252 18.85 14.96 1.12
CA LEU A 252 18.88 15.34 -0.30
C LEU A 252 19.71 14.36 -1.11
N GLU A 253 20.85 13.94 -0.58
CA GLU A 253 21.73 13.06 -1.34
C GLU A 253 21.06 11.74 -1.65
N LEU A 254 20.38 11.15 -0.66
CA LEU A 254 19.74 9.85 -0.90
C LEU A 254 18.55 9.98 -1.85
N ASN A 255 17.77 11.05 -1.70
CA ASN A 255 16.63 11.24 -2.59
C ASN A 255 17.07 11.50 -4.02
N GLU A 256 18.20 12.18 -4.21
CA GLU A 256 18.75 12.38 -5.55
C GLU A 256 19.10 11.06 -6.20
N ARG A 257 19.84 10.22 -5.48
CA ARG A 257 20.24 8.92 -6.04
C ARG A 257 19.02 8.03 -6.23
N LEU A 258 18.03 8.12 -5.35
CA LEU A 258 16.79 7.36 -5.53
C LEU A 258 16.07 7.80 -6.80
N MET A 259 15.94 9.12 -7.00
CA MET A 259 15.25 9.62 -8.18
C MET A 259 16.00 9.21 -9.45
N ALA A 260 17.32 9.35 -9.46
CA ALA A 260 18.11 8.92 -10.62
C ALA A 260 17.90 7.44 -10.89
N HIS A 261 17.81 6.62 -9.83
CA HIS A 261 17.56 5.20 -10.03
C HIS A 261 16.18 4.97 -10.62
N VAL A 262 15.17 5.69 -10.13
CA VAL A 262 13.81 5.50 -10.62
C VAL A 262 13.73 5.84 -12.11
N PHE A 263 14.29 7.00 -12.50
CA PHE A 263 14.22 7.40 -13.90
C PHE A 263 15.03 6.45 -14.78
N ARG A 264 16.18 5.97 -14.27
CA ARG A 264 16.99 5.05 -15.06
C ARG A 264 16.26 3.74 -15.31
N GLU A 265 15.73 3.13 -14.26
CA GLU A 265 15.09 1.83 -14.39
C GLU A 265 13.70 1.91 -15.02
N ALA A 266 12.96 2.98 -14.75
CA ALA A 266 11.57 3.06 -15.18
C ALA A 266 11.39 3.75 -16.53
N LEU A 267 12.25 4.71 -16.86
CA LEU A 267 12.14 5.45 -18.11
C LEU A 267 13.34 5.28 -19.04
N GLY A 268 14.45 4.70 -18.57
CA GLY A 268 15.66 4.70 -19.36
C GLY A 268 16.24 6.08 -19.55
N VAL A 269 16.03 6.98 -18.59
CA VAL A 269 16.51 8.35 -18.65
C VAL A 269 17.57 8.54 -17.59
N GLU A 270 18.63 9.27 -17.95
CA GLU A 270 19.77 9.50 -17.06
C GLU A 270 19.68 10.92 -16.50
N LEU A 271 19.61 11.03 -15.18
CA LEU A 271 19.55 12.32 -14.51
C LEU A 271 20.93 12.70 -14.01
N PRO A 272 21.54 13.79 -14.49
CA PRO A 272 22.84 14.18 -13.94
C PRO A 272 22.74 14.52 -12.46
N LEU A 273 23.68 14.01 -11.69
CA LEU A 273 23.78 14.32 -10.27
C LEU A 273 25.04 15.15 -10.00
N PRO A 274 25.02 16.01 -8.98
CA PRO A 274 23.89 16.29 -8.07
C PRO A 274 22.86 17.24 -8.68
N PHE A 275 21.65 17.26 -8.11
CA PHE A 275 20.67 18.24 -8.53
C PHE A 275 21.12 19.64 -8.12
N PRO A 276 20.81 20.65 -8.92
CA PRO A 276 21.08 22.03 -8.49
C PRO A 276 20.25 22.39 -7.27
N ARG A 277 20.77 23.33 -6.48
CA ARG A 277 20.11 23.78 -5.27
C ARG A 277 20.03 25.29 -5.28
N LEU A 278 18.90 25.82 -4.80
CA LEU A 278 18.73 27.25 -4.62
C LEU A 278 18.08 27.46 -3.28
N SER A 279 18.54 28.48 -2.56
CA SER A 279 17.79 28.90 -1.39
C SER A 279 16.45 29.49 -1.81
N TYR A 280 15.49 29.47 -0.89
CA TYR A 280 14.21 30.11 -1.17
C TYR A 280 14.41 31.55 -1.63
N GLU A 281 15.31 32.27 -0.99
CA GLU A 281 15.56 33.65 -1.37
C GLU A 281 16.12 33.76 -2.78
N GLU A 282 17.08 32.89 -3.12
CA GLU A 282 17.65 32.92 -4.47
C GLU A 282 16.60 32.60 -5.52
N ALA A 283 15.76 31.60 -5.26
CA ALA A 283 14.73 31.22 -6.22
C ALA A 283 13.78 32.38 -6.47
N MET A 284 13.31 33.04 -5.41
CA MET A 284 12.43 34.19 -5.58
C MET A 284 13.14 35.30 -6.35
N GLU A 285 14.40 35.56 -6.01
CA GLU A 285 15.14 36.64 -6.68
C GLU A 285 15.33 36.36 -8.16
N ARG A 286 15.72 35.14 -8.52
CA ARG A 286 16.09 34.83 -9.89
C ARG A 286 14.91 34.42 -10.75
N TYR A 287 13.85 33.86 -10.16
CA TYR A 287 12.72 33.34 -10.93
C TYR A 287 11.36 33.82 -10.46
N GLY A 288 11.28 34.50 -9.32
CA GLY A 288 9.99 34.93 -8.82
C GLY A 288 9.09 33.82 -8.36
N SER A 289 9.62 32.63 -8.10
CA SER A 289 8.81 31.50 -7.67
C SER A 289 9.65 30.58 -6.80
N ASP A 290 8.99 29.97 -5.81
CA ASP A 290 9.62 28.93 -5.00
C ASP A 290 9.57 27.56 -5.67
N LYS A 291 9.12 27.50 -6.92
CA LYS A 291 9.17 26.28 -7.73
C LYS A 291 9.63 26.65 -9.13
N PRO A 292 10.91 27.00 -9.29
CA PRO A 292 11.38 27.47 -10.60
C PRO A 292 11.30 26.39 -11.67
N ASP A 293 10.99 26.83 -12.89
CA ASP A 293 11.05 25.99 -14.09
C ASP A 293 12.40 26.25 -14.75
N LEU A 294 13.32 25.31 -14.61
CA LEU A 294 14.69 25.47 -15.10
C LEU A 294 14.87 25.02 -16.54
N ARG A 295 13.79 24.75 -17.27
CA ARG A 295 13.91 24.33 -18.65
C ARG A 295 14.23 25.47 -19.60
N PHE A 296 14.19 26.72 -19.13
CA PHE A 296 14.59 27.86 -19.94
C PHE A 296 15.20 28.91 -19.03
N GLY A 297 15.89 29.88 -19.64
CA GLY A 297 16.59 30.90 -18.89
C GLY A 297 15.70 32.05 -18.47
N LEU A 298 16.04 33.27 -18.91
CA LEU A 298 15.22 34.45 -18.69
C LEU A 298 15.12 34.79 -17.20
N GLU A 299 16.26 34.76 -16.53
CA GLU A 299 16.27 35.08 -15.10
C GLU A 299 15.89 36.53 -14.87
N LEU A 300 15.36 36.80 -13.67
CA LEU A 300 15.07 38.16 -13.26
C LEU A 300 16.31 38.82 -12.68
N LYS A 301 16.38 40.14 -12.81
CA LYS A 301 17.52 40.92 -12.34
C LYS A 301 17.02 42.10 -11.54
N GLU A 302 17.59 42.30 -10.35
CA GLU A 302 17.28 43.46 -9.54
C GLU A 302 18.03 44.66 -10.10
N VAL A 303 17.30 45.73 -10.42
CA VAL A 303 17.88 46.92 -11.03
C VAL A 303 17.40 48.17 -10.31
N GLY A 304 16.75 48.00 -9.16
CA GLY A 304 16.30 49.11 -8.36
C GLY A 304 17.40 50.11 -8.06
N PRO A 305 18.54 49.62 -7.59
CA PRO A 305 19.67 50.53 -7.27
C PRO A 305 20.25 51.27 -8.46
N LEU A 306 19.74 51.05 -9.68
CA LEU A 306 20.18 51.83 -10.83
C LEU A 306 19.40 53.12 -11.02
N PHE A 307 18.22 53.23 -10.39
CA PHE A 307 17.30 54.33 -10.64
C PHE A 307 17.12 55.24 -9.42
N ARG A 308 18.02 55.17 -8.44
CA ARG A 308 17.86 55.97 -7.23
C ARG A 308 18.11 57.45 -7.49
N GLN A 309 18.84 57.80 -8.55
CA GLN A 309 19.02 59.19 -8.96
C GLN A 309 18.25 59.52 -10.23
N SER A 310 17.38 58.62 -10.69
CA SER A 310 16.61 58.84 -11.91
C SER A 310 15.36 59.64 -11.62
N GLY A 311 14.99 60.51 -12.56
CA GLY A 311 13.79 61.29 -12.42
C GLY A 311 12.51 60.47 -12.48
N PHE A 312 12.59 59.26 -13.02
CA PHE A 312 11.40 58.40 -13.16
C PHE A 312 10.95 58.01 -11.76
N ARG A 313 9.90 58.68 -11.28
CA ARG A 313 9.39 58.45 -9.93
C ARG A 313 9.22 56.96 -9.66
N VAL A 314 8.31 56.32 -10.39
CA VAL A 314 7.87 54.96 -10.06
C VAL A 314 9.05 54.01 -9.89
N PHE A 315 10.13 54.19 -10.66
CA PHE A 315 11.33 53.39 -10.46
C PHE A 315 12.11 53.87 -9.25
N GLN A 316 12.33 55.19 -9.15
CA GLN A 316 13.24 55.72 -8.14
C GLN A 316 12.77 55.41 -6.73
N GLU A 317 11.47 55.53 -6.47
CA GLU A 317 10.93 55.37 -5.13
C GLU A 317 10.44 53.96 -4.84
N ALA A 318 10.68 53.00 -5.73
CA ALA A 318 10.20 51.64 -5.53
C ALA A 318 11.15 50.87 -4.63
N GLU A 319 10.58 50.02 -3.78
CA GLU A 319 11.39 49.14 -2.96
C GLU A 319 12.26 48.23 -3.83
N SER A 320 11.71 47.74 -4.92
CA SER A 320 12.44 46.85 -5.82
C SER A 320 11.99 47.09 -7.26
N VAL A 321 12.93 47.00 -8.18
CA VAL A 321 12.65 47.01 -9.62
C VAL A 321 13.26 45.76 -10.22
N LYS A 322 12.40 44.87 -10.72
CA LYS A 322 12.84 43.64 -11.37
C LYS A 322 12.81 43.83 -12.88
N ALA A 323 13.84 43.30 -13.55
CA ALA A 323 14.00 43.44 -14.98
C ALA A 323 14.12 42.07 -15.63
N LEU A 324 13.59 41.95 -16.84
CA LEU A 324 13.59 40.71 -17.60
C LEU A 324 13.82 41.02 -19.06
N ALA A 325 14.80 40.34 -19.66
CA ALA A 325 15.18 40.56 -21.06
C ALA A 325 14.68 39.39 -21.89
N LEU A 326 13.69 39.65 -22.75
CA LEU A 326 13.21 38.63 -23.67
C LEU A 326 13.99 38.70 -24.98
N PRO A 327 14.39 37.56 -25.56
CA PRO A 327 15.22 37.61 -26.77
C PRO A 327 14.42 37.79 -28.05
N LYS A 328 13.39 38.63 -28.02
CA LYS A 328 12.58 38.89 -29.20
C LYS A 328 11.83 40.20 -29.02
N ALA A 329 11.66 40.93 -30.12
CA ALA A 329 10.84 42.14 -30.12
C ALA A 329 9.37 41.75 -30.10
N LEU A 330 8.64 42.18 -29.08
CA LEU A 330 7.26 41.79 -28.90
C LEU A 330 6.32 42.73 -29.64
N SER A 331 5.10 42.26 -29.86
CA SER A 331 4.04 43.09 -30.40
C SER A 331 3.41 43.93 -29.30
N ARG A 332 2.69 44.97 -29.71
CA ARG A 332 1.96 45.77 -28.73
C ARG A 332 0.92 44.93 -28.01
N LYS A 333 0.39 43.89 -28.67
CA LYS A 333 -0.55 43.00 -28.02
C LYS A 333 0.13 42.15 -26.97
N GLU A 334 1.20 41.44 -27.35
CA GLU A 334 1.91 40.57 -26.42
C GLU A 334 2.26 41.32 -25.13
N VAL A 335 2.79 42.53 -25.26
CA VAL A 335 3.16 43.30 -24.08
C VAL A 335 1.95 43.49 -23.17
N ALA A 336 0.80 43.81 -23.75
CA ALA A 336 -0.40 44.00 -22.94
C ALA A 336 -0.87 42.70 -22.31
N GLU A 337 -0.59 41.55 -22.95
CA GLU A 337 -0.89 40.28 -22.32
C GLU A 337 0.00 40.05 -21.11
N LEU A 338 1.30 40.33 -21.24
CA LEU A 338 2.20 40.20 -20.11
C LEU A 338 1.86 41.20 -19.01
N GLU A 339 1.55 42.44 -19.38
CA GLU A 339 1.16 43.44 -18.38
C GLU A 339 -0.09 43.00 -17.63
N GLU A 340 -1.08 42.46 -18.35
CA GLU A 340 -2.28 41.96 -17.68
C GLU A 340 -1.93 40.81 -16.76
N VAL A 341 -0.99 39.95 -17.17
CA VAL A 341 -0.53 38.88 -16.29
C VAL A 341 0.11 39.47 -15.04
N ALA A 342 0.96 40.49 -15.21
CA ALA A 342 1.60 41.12 -14.06
C ALA A 342 0.57 41.72 -13.12
N LYS A 343 -0.35 42.52 -13.65
CA LYS A 343 -1.41 43.09 -12.81
C LYS A 343 -2.21 41.99 -12.13
N ARG A 344 -2.46 40.89 -12.84
CA ARG A 344 -3.18 39.77 -12.23
C ARG A 344 -2.45 39.20 -11.03
N HIS A 345 -1.15 39.49 -10.89
CA HIS A 345 -0.35 39.01 -9.77
C HIS A 345 0.04 40.13 -8.81
N LYS A 346 -0.84 41.13 -8.66
CA LYS A 346 -0.78 42.17 -7.64
C LYS A 346 0.19 43.30 -7.98
N ALA A 347 0.78 43.31 -9.18
CA ALA A 347 1.67 44.39 -9.55
C ALA A 347 0.89 45.64 -9.91
N GLN A 348 1.57 46.79 -9.85
CA GLN A 348 0.96 48.04 -10.26
C GLN A 348 0.97 48.22 -11.77
N GLY A 349 1.77 47.45 -12.48
CA GLY A 349 1.88 47.58 -13.91
C GLY A 349 3.15 46.91 -14.41
N LEU A 350 3.37 47.07 -15.71
CA LEU A 350 4.53 46.46 -16.38
C LEU A 350 5.10 47.48 -17.36
N ALA A 351 6.27 48.02 -17.03
CA ALA A 351 6.98 48.89 -17.95
C ALA A 351 7.76 48.04 -18.96
N TRP A 352 8.12 48.67 -20.08
CA TRP A 352 8.79 47.95 -21.15
C TRP A 352 9.57 48.94 -22.00
N ALA A 353 10.43 48.38 -22.85
CA ALA A 353 11.24 49.17 -23.77
C ALA A 353 12.00 48.23 -24.69
N ARG A 354 12.09 48.60 -25.96
CA ARG A 354 12.87 47.82 -26.92
C ARG A 354 14.34 48.20 -26.84
N VAL A 355 15.20 47.23 -27.10
CA VAL A 355 16.65 47.41 -27.05
C VAL A 355 17.17 47.56 -28.47
N GLU A 356 17.89 48.64 -28.73
CA GLU A 356 18.46 48.95 -30.03
C GLU A 356 19.98 48.79 -29.98
N GLU A 357 20.62 49.13 -31.10
CA GLU A 357 22.08 48.96 -31.20
C GLU A 357 22.82 50.03 -30.40
N GLY A 358 22.26 51.22 -30.28
CA GLY A 358 22.92 52.31 -29.58
C GLY A 358 22.12 52.90 -28.45
N GLY A 359 20.83 52.60 -28.41
CA GLY A 359 19.96 53.13 -27.39
C GLY A 359 18.75 52.26 -27.17
N PHE A 360 17.70 52.88 -26.64
CA PHE A 360 16.42 52.22 -26.38
C PHE A 360 15.31 52.96 -27.10
N SER A 361 14.15 52.30 -27.18
CA SER A 361 12.97 52.89 -27.81
C SER A 361 11.76 52.02 -27.57
N GLY A 362 10.67 52.60 -27.05
CA GLY A 362 9.46 51.85 -26.84
C GLY A 362 8.52 52.44 -25.81
N GLY A 363 8.97 52.50 -24.56
CA GLY A 363 8.13 52.98 -23.47
C GLY A 363 8.86 53.85 -22.49
N VAL A 364 9.59 53.23 -21.56
CA VAL A 364 10.37 53.96 -20.57
C VAL A 364 11.78 54.17 -21.11
N ALA A 365 11.95 54.04 -22.42
CA ALA A 365 13.27 54.13 -23.03
C ALA A 365 13.97 55.42 -22.63
N LYS A 366 13.23 56.52 -22.53
CA LYS A 366 13.83 57.80 -22.18
C LYS A 366 14.55 57.73 -20.83
N PHE A 367 13.89 57.13 -19.84
CA PHE A 367 14.46 57.04 -18.49
C PHE A 367 15.51 55.95 -18.36
N LEU A 368 15.81 55.21 -19.44
CA LEU A 368 16.84 54.18 -19.41
C LEU A 368 18.17 54.65 -19.97
N GLU A 369 18.17 55.60 -20.91
CA GLU A 369 19.41 56.07 -21.49
C GLU A 369 20.41 56.58 -20.46
N PRO A 370 20.00 57.31 -19.42
CA PRO A 370 20.99 57.78 -18.44
C PRO A 370 21.79 56.67 -17.79
N VAL A 371 21.22 55.46 -17.70
CA VAL A 371 21.90 54.34 -17.05
C VAL A 371 22.06 53.19 -18.04
N ARG A 372 22.37 53.53 -19.29
CA ARG A 372 22.45 52.51 -20.34
C ARG A 372 23.55 51.49 -20.04
N GLU A 373 24.77 51.97 -19.81
CA GLU A 373 25.91 51.06 -19.65
C GLU A 373 25.65 50.06 -18.52
N ALA A 374 25.23 50.56 -17.36
CA ALA A 374 25.01 49.67 -16.22
C ALA A 374 23.83 48.73 -16.45
N LEU A 375 22.80 49.18 -17.15
CA LEU A 375 21.62 48.35 -17.34
C LEU A 375 21.89 47.18 -18.27
N LEU A 376 22.82 47.32 -19.20
CA LEU A 376 23.14 46.24 -20.12
C LEU A 376 24.08 45.22 -19.49
N GLN A 377 25.02 45.69 -18.67
CA GLN A 377 25.89 44.76 -17.95
C GLN A 377 25.11 43.97 -16.91
N ALA A 378 24.00 44.52 -16.42
CA ALA A 378 23.21 43.83 -15.41
C ALA A 378 22.25 42.82 -16.03
N THR A 379 21.65 43.17 -17.17
CA THR A 379 20.69 42.32 -17.84
C THR A 379 21.29 41.53 -19.00
N GLU A 380 22.52 41.84 -19.40
CA GLU A 380 23.16 41.20 -20.56
C GLU A 380 22.25 41.24 -21.78
N ALA A 381 21.39 42.26 -21.86
CA ALA A 381 20.50 42.40 -22.99
C ALA A 381 21.29 42.82 -24.24
N ARG A 382 20.79 42.41 -25.39
CA ARG A 382 21.44 42.64 -26.67
C ARG A 382 20.47 43.33 -27.62
N PRO A 383 20.96 43.90 -28.71
CA PRO A 383 20.07 44.54 -29.69
C PRO A 383 19.02 43.56 -30.19
N GLY A 384 17.77 44.02 -30.24
CA GLY A 384 16.65 43.21 -30.64
C GLY A 384 15.85 42.65 -29.48
N ASP A 385 16.41 42.66 -28.27
CA ASP A 385 15.69 42.16 -27.11
C ASP A 385 14.60 43.13 -26.69
N THR A 386 13.75 42.68 -25.77
CA THR A 386 12.72 43.51 -25.16
C THR A 386 12.88 43.43 -23.65
N LEU A 387 13.01 44.58 -23.01
CA LEU A 387 13.17 44.66 -21.56
C LEU A 387 11.81 44.89 -20.91
N LEU A 388 11.51 44.10 -19.89
CA LEU A 388 10.29 44.22 -19.11
C LEU A 388 10.66 44.55 -17.67
N PHE A 389 9.84 45.37 -17.02
CA PHE A 389 10.13 45.83 -15.67
C PHE A 389 8.86 45.79 -14.83
N VAL A 390 8.99 45.37 -13.58
CA VAL A 390 7.95 45.49 -12.57
C VAL A 390 8.57 46.15 -11.35
N ALA A 391 7.98 47.25 -10.91
CA ALA A 391 8.48 48.01 -9.76
C ALA A 391 7.47 47.93 -8.63
N GLY A 392 7.97 47.72 -7.42
CA GLY A 392 7.13 47.64 -6.25
C GLY A 392 7.79 46.89 -5.11
N PRO A 393 6.99 46.43 -4.15
CA PRO A 393 7.55 45.62 -3.06
C PRO A 393 8.33 44.43 -3.60
N ARG A 394 9.35 44.02 -2.85
CA ARG A 394 10.26 42.98 -3.33
C ARG A 394 9.50 41.70 -3.70
N LYS A 395 8.63 41.24 -2.80
CA LYS A 395 7.91 39.99 -3.06
C LYS A 395 6.94 40.14 -4.22
N VAL A 396 6.26 41.29 -4.31
CA VAL A 396 5.30 41.52 -5.38
C VAL A 396 6.02 41.61 -6.72
N ALA A 397 7.07 42.41 -6.80
CA ALA A 397 7.78 42.59 -8.06
C ALA A 397 8.36 41.27 -8.56
N ALA A 398 8.94 40.48 -7.67
CA ALA A 398 9.52 39.20 -8.07
C ALA A 398 8.43 38.23 -8.53
N THR A 399 7.39 38.08 -7.71
CA THR A 399 6.33 37.12 -8.03
C THR A 399 5.63 37.48 -9.34
N ALA A 400 5.41 38.77 -9.58
CA ALA A 400 4.68 39.18 -10.77
C ALA A 400 5.53 38.98 -12.02
N LEU A 401 6.78 39.42 -12.00
CA LEU A 401 7.63 39.25 -13.18
C LEU A 401 8.01 37.80 -13.38
N GLY A 402 8.01 36.99 -12.31
CA GLY A 402 8.22 35.56 -12.47
C GLY A 402 7.09 34.89 -13.21
N ALA A 403 5.85 35.33 -12.96
CA ALA A 403 4.72 34.82 -13.72
C ALA A 403 4.75 35.33 -15.15
N VAL A 404 5.17 36.59 -15.34
CA VAL A 404 5.39 37.11 -16.68
C VAL A 404 6.44 36.28 -17.40
N ARG A 405 7.50 35.89 -16.68
CA ARG A 405 8.54 35.06 -17.28
C ARG A 405 7.96 33.77 -17.84
N LEU A 406 7.09 33.10 -17.07
CA LEU A 406 6.49 31.86 -17.55
C LEU A 406 5.59 32.11 -18.76
N ARG A 407 4.76 33.15 -18.69
CA ARG A 407 3.92 33.48 -19.84
C ARG A 407 4.76 33.79 -21.07
N ALA A 408 5.86 34.50 -20.88
CA ALA A 408 6.72 34.84 -22.02
C ALA A 408 7.31 33.60 -22.68
N ALA A 409 7.55 32.55 -21.90
CA ALA A 409 8.05 31.31 -22.48
C ALA A 409 7.07 30.75 -23.50
N ASP A 410 5.76 30.83 -23.20
CA ASP A 410 4.75 30.38 -24.15
C ASP A 410 4.71 31.29 -25.38
N LEU A 411 4.63 32.60 -25.15
CA LEU A 411 4.57 33.55 -26.26
C LEU A 411 5.71 33.33 -27.24
N LEU A 412 6.94 33.22 -26.72
CA LEU A 412 8.11 33.04 -27.58
C LEU A 412 8.23 31.63 -28.13
N GLY A 413 7.37 30.71 -27.72
CA GLY A 413 7.46 29.34 -28.19
C GLY A 413 8.77 28.67 -27.88
N LEU A 414 9.35 28.96 -26.71
CA LEU A 414 10.61 28.34 -26.32
C LEU A 414 10.45 26.83 -26.21
N LYS A 415 11.51 26.12 -26.57
CA LYS A 415 11.55 24.67 -26.41
C LYS A 415 11.77 24.35 -24.93
N ARG A 416 10.83 23.60 -24.35
CA ARG A 416 10.89 23.19 -22.95
C ARG A 416 10.82 21.66 -22.93
N GLU A 417 11.99 21.03 -22.85
CA GLU A 417 12.12 19.58 -22.99
C GLU A 417 12.86 19.01 -21.79
N GLY A 418 12.66 17.71 -21.58
CA GLY A 418 13.42 16.99 -20.58
C GLY A 418 12.88 17.16 -19.17
N PHE A 419 13.70 16.75 -18.22
CA PHE A 419 13.36 16.76 -16.81
C PHE A 419 14.42 17.54 -16.05
N ARG A 420 14.03 18.66 -15.45
CA ARG A 420 14.94 19.54 -14.73
C ARG A 420 14.52 19.59 -13.26
N PHE A 421 15.19 18.79 -12.43
CA PHE A 421 14.98 18.78 -10.99
C PHE A 421 15.82 19.85 -10.30
N LEU A 422 15.32 20.32 -9.16
CA LEU A 422 16.14 21.17 -8.30
C LEU A 422 15.59 21.11 -6.87
N TRP A 423 16.46 21.37 -5.91
CA TRP A 423 16.08 21.53 -4.52
C TRP A 423 15.92 23.02 -4.22
N VAL A 424 14.84 23.35 -3.52
CA VAL A 424 14.66 24.67 -2.93
C VAL A 424 14.79 24.51 -1.43
N VAL A 425 15.76 25.19 -0.83
CA VAL A 425 16.17 24.97 0.55
C VAL A 425 16.12 26.29 1.30
N ASP A 426 16.39 26.22 2.60
CA ASP A 426 16.45 27.39 3.48
C ASP A 426 15.17 28.22 3.41
N PHE A 427 14.03 27.53 3.48
CA PHE A 427 12.77 28.22 3.61
C PHE A 427 12.73 28.95 4.95
N PRO A 428 11.96 30.04 5.06
CA PRO A 428 11.73 30.64 6.38
C PRO A 428 10.87 29.73 7.24
N LEU A 429 11.17 29.72 8.54
CA LEU A 429 10.42 28.88 9.45
C LEU A 429 9.01 29.41 9.67
N LEU A 430 8.82 30.72 9.63
CA LEU A 430 7.56 31.34 10.01
C LEU A 430 7.13 32.36 8.95
N GLU A 431 5.90 32.85 9.11
CA GLU A 431 5.37 33.91 8.28
C GLU A 431 4.34 34.69 9.09
N TRP A 432 4.10 35.94 8.69
CA TRP A 432 3.19 36.79 9.43
C TRP A 432 1.74 36.51 9.05
N ASP A 433 0.83 36.92 9.93
CA ASP A 433 -0.60 36.73 9.71
C ASP A 433 -1.39 37.87 10.33
N ALA A 438 0.29 38.39 14.37
CA ALA A 438 1.05 37.34 15.06
C ALA A 438 1.79 36.46 14.05
N TRP A 439 2.68 35.62 14.55
CA TRP A 439 3.46 34.72 13.72
C TRP A 439 2.74 33.38 13.53
N THR A 440 3.13 32.68 12.48
CA THR A 440 2.60 31.35 12.19
C THR A 440 3.66 30.55 11.43
N TYR A 441 3.53 29.23 11.50
CA TYR A 441 4.49 28.37 10.82
C TYR A 441 4.20 28.31 9.33
N MET A 442 5.23 27.95 8.56
CA MET A 442 5.16 27.94 7.10
C MET A 442 4.91 26.55 6.52
N HIS A 443 4.97 25.50 7.35
CA HIS A 443 4.76 24.14 6.85
C HIS A 443 4.19 23.26 7.95
N HIS A 444 4.97 23.01 9.00
CA HIS A 444 4.55 22.16 10.11
C HIS A 444 5.29 22.63 11.35
N PRO A 445 4.64 22.66 12.52
CA PRO A 445 5.31 23.15 13.73
C PRO A 445 6.43 22.24 14.22
N PHE A 446 6.60 21.05 13.66
CA PHE A 446 7.69 20.17 14.05
C PHE A 446 8.94 20.37 13.20
N THR A 447 8.90 21.27 12.22
CA THR A 447 10.06 21.56 11.40
C THR A 447 11.15 22.20 12.25
N SER A 448 12.37 21.71 12.12
CA SER A 448 13.45 22.20 12.96
C SER A 448 13.95 23.56 12.46
N PRO A 449 14.18 24.51 13.35
CA PRO A 449 14.89 25.73 12.95
C PRO A 449 16.33 25.41 12.59
N HIS A 450 16.92 26.30 11.82
CA HIS A 450 18.35 26.19 11.54
C HIS A 450 19.11 26.42 12.85
N PRO A 451 20.02 25.53 13.24
CA PRO A 451 20.65 25.66 14.57
C PRO A 451 21.35 27.00 14.77
N GLU A 452 22.03 27.52 13.75
CA GLU A 452 22.74 28.78 13.92
C GLU A 452 21.81 30.00 13.86
N ASP A 453 20.51 29.78 13.64
CA ASP A 453 19.52 30.84 13.76
C ASP A 453 18.69 30.74 15.02
N LEU A 454 19.00 29.80 15.91
CA LEU A 454 18.17 29.57 17.09
C LEU A 454 18.06 30.81 17.97
N PRO A 455 19.14 31.51 18.30
CA PRO A 455 18.98 32.74 19.11
C PRO A 455 18.01 33.75 18.51
N LEU A 456 17.83 33.75 17.19
CA LEU A 456 16.88 34.66 16.55
C LEU A 456 15.43 34.23 16.73
N LEU A 457 15.18 33.04 17.28
CA LEU A 457 13.82 32.54 17.39
C LEU A 457 12.91 33.55 18.08
N GLU A 458 13.41 34.21 19.11
CA GLU A 458 12.65 35.23 19.83
C GLU A 458 13.01 36.65 19.43
N LYS A 459 14.30 36.93 19.18
CA LYS A 459 14.71 38.29 18.83
C LYS A 459 14.10 38.73 17.50
N ASP A 460 14.41 38.00 16.42
CA ASP A 460 13.93 38.33 15.08
C ASP A 460 13.38 37.06 14.44
N PRO A 461 12.13 36.71 14.71
CA PRO A 461 11.59 35.45 14.17
C PRO A 461 11.55 35.38 12.65
N GLY A 462 11.31 36.52 11.98
CA GLY A 462 11.12 36.50 10.54
C GLY A 462 12.34 36.04 9.76
N ARG A 463 13.53 36.12 10.36
CA ARG A 463 14.76 35.74 9.69
C ARG A 463 15.20 34.31 9.99
N VAL A 464 14.46 33.58 10.81
CA VAL A 464 14.87 32.22 11.17
C VAL A 464 14.68 31.31 9.97
N ARG A 465 15.76 30.67 9.53
CA ARG A 465 15.66 29.65 8.50
C ARG A 465 15.17 28.34 9.09
N ALA A 466 14.51 27.55 8.26
CA ALA A 466 14.09 26.20 8.61
C ALA A 466 14.96 25.19 7.89
N LEU A 467 15.10 24.01 8.49
CA LEU A 467 15.79 22.90 7.84
C LEU A 467 14.81 22.13 6.96
N ALA A 468 14.12 22.87 6.08
CA ALA A 468 13.11 22.32 5.19
C ALA A 468 13.59 22.43 3.74
N TYR A 469 12.96 21.65 2.87
CA TYR A 469 13.41 21.54 1.49
C TYR A 469 12.26 21.05 0.63
N ASP A 470 12.18 21.58 -0.60
CA ASP A 470 11.21 21.14 -1.58
C ASP A 470 11.94 20.62 -2.82
N LEU A 471 11.40 19.55 -3.39
CA LEU A 471 11.90 18.99 -4.64
C LEU A 471 10.99 19.45 -5.77
N VAL A 472 11.57 20.11 -6.76
CA VAL A 472 10.82 20.71 -7.85
C VAL A 472 11.24 20.06 -9.15
N LEU A 473 10.26 19.78 -10.00
CA LEU A 473 10.49 19.22 -11.34
C LEU A 473 9.72 20.05 -12.34
N ASN A 474 10.44 20.72 -13.25
CA ASN A 474 9.84 21.51 -14.31
C ASN A 474 8.77 22.45 -13.77
N GLY A 475 9.14 23.21 -12.73
CA GLY A 475 8.24 24.19 -12.17
C GLY A 475 7.10 23.64 -11.36
N VAL A 476 7.17 22.37 -10.95
CA VAL A 476 6.10 21.73 -10.20
C VAL A 476 6.70 21.11 -8.95
N GLU A 477 6.09 21.36 -7.80
CA GLU A 477 6.52 20.74 -6.56
C GLU A 477 6.14 19.27 -6.56
N VAL A 478 7.14 18.40 -6.54
CA VAL A 478 6.91 16.95 -6.50
C VAL A 478 7.27 16.33 -5.16
N GLY A 479 7.88 17.08 -4.25
CA GLY A 479 8.24 16.52 -2.97
C GLY A 479 8.64 17.62 -2.00
N GLY A 480 8.51 17.31 -0.72
CA GLY A 480 8.85 18.25 0.32
C GLY A 480 9.03 17.56 1.65
N GLY A 481 9.91 18.12 2.47
CA GLY A 481 10.14 17.56 3.79
C GLY A 481 11.00 18.49 4.62
N SER A 482 11.48 17.97 5.74
CA SER A 482 12.30 18.76 6.64
C SER A 482 12.94 17.86 7.70
N ILE A 483 13.98 18.39 8.33
CA ILE A 483 14.46 17.82 9.58
C ILE A 483 13.49 18.20 10.68
N ARG A 484 13.21 17.28 11.58
CA ARG A 484 12.23 17.49 12.64
C ARG A 484 12.90 17.88 13.94
N ILE A 485 12.11 18.43 14.84
CA ILE A 485 12.56 18.71 16.20
C ILE A 485 12.53 17.42 17.01
N HIS A 486 13.65 17.08 17.64
CA HIS A 486 13.71 15.92 18.52
C HIS A 486 13.87 16.30 19.99
N ASP A 487 14.16 17.57 20.29
CA ASP A 487 14.27 18.05 21.66
C ASP A 487 12.91 18.56 22.11
N PRO A 488 12.25 17.94 23.08
CA PRO A 488 10.96 18.47 23.53
C PRO A 488 11.05 19.87 24.13
N ARG A 489 12.20 20.20 24.73
CA ARG A 489 12.39 21.55 25.25
C ARG A 489 12.39 22.57 24.13
N LEU A 490 13.04 22.25 23.00
CA LEU A 490 13.01 23.14 21.86
C LEU A 490 11.61 23.24 21.26
N GLN A 491 10.90 22.10 21.20
CA GLN A 491 9.55 22.12 20.67
C GLN A 491 8.64 22.99 21.51
N ALA A 492 8.73 22.88 22.84
CA ALA A 492 7.97 23.78 23.71
C ALA A 492 8.36 25.23 23.47
N ARG A 493 9.64 25.48 23.22
CA ARG A 493 10.10 26.83 22.95
C ARG A 493 9.49 27.38 21.67
N VAL A 494 9.34 26.53 20.65
CA VAL A 494 8.71 26.96 19.42
C VAL A 494 7.23 27.22 19.63
N PHE A 495 6.56 26.36 20.40
CA PHE A 495 5.14 26.56 20.68
C PHE A 495 4.91 27.87 21.43
N ARG A 496 5.74 28.15 22.44
CA ARG A 496 5.61 29.41 23.16
C ARG A 496 5.74 30.60 22.23
N LEU A 497 6.65 30.52 21.26
CA LEU A 497 6.83 31.61 20.31
C LEU A 497 5.61 31.77 19.43
N LEU A 498 4.96 30.66 19.06
CA LEU A 498 3.77 30.71 18.22
C LEU A 498 2.50 31.04 19.00
N GLY A 499 2.57 31.11 20.32
CA GLY A 499 1.37 31.35 21.11
C GLY A 499 0.45 30.15 21.23
N ILE A 500 0.98 28.95 21.04
CA ILE A 500 0.17 27.73 21.09
C ILE A 500 0.22 27.19 22.51
N GLY A 501 -0.91 27.26 23.21
CA GLY A 501 -0.97 26.89 24.61
C GLY A 501 -0.92 25.38 24.82
N GLU A 502 -0.91 25.01 26.11
CA GLU A 502 -0.78 23.60 26.48
C GLU A 502 -2.00 22.81 26.07
N GLU A 503 -3.19 23.29 26.42
CA GLU A 503 -4.42 22.58 26.06
C GLU A 503 -4.48 22.31 24.56
N GLU A 504 -4.05 23.28 23.76
CA GLU A 504 -4.05 23.10 22.31
C GLU A 504 -3.00 22.07 21.88
N GLN A 505 -1.82 22.11 22.52
CA GLN A 505 -0.79 21.12 22.21
C GLN A 505 -1.27 19.70 22.49
N ARG A 506 -1.84 19.49 23.68
CA ARG A 506 -2.32 18.16 24.04
C ARG A 506 -3.45 17.71 23.12
N GLU A 507 -4.31 18.64 22.72
CA GLU A 507 -5.43 18.28 21.86
C GLU A 507 -4.96 17.78 20.51
N LYS A 508 -3.92 18.40 19.95
CA LYS A 508 -3.44 18.06 18.61
C LYS A 508 -2.30 17.04 18.63
N PHE A 509 -1.37 17.16 19.58
CA PHE A 509 -0.12 16.40 19.53
C PHE A 509 0.23 15.71 20.85
N GLY A 510 -0.70 15.67 21.81
CA GLY A 510 -0.41 15.12 23.12
C GLY A 510 0.42 13.86 23.11
N PHE A 511 -0.08 12.81 22.44
CA PHE A 511 0.58 11.51 22.51
C PHE A 511 1.98 11.56 21.92
N PHE A 512 2.21 12.38 20.90
CA PHE A 512 3.54 12.44 20.30
C PHE A 512 4.47 13.32 21.10
N LEU A 513 3.96 14.41 21.67
CA LEU A 513 4.80 15.26 22.52
C LEU A 513 5.32 14.46 23.72
N GLU A 514 4.49 13.58 24.27
CA GLU A 514 4.96 12.72 25.35
C GLU A 514 6.02 11.73 24.85
N ALA A 515 5.90 11.31 23.58
CA ALA A 515 6.88 10.38 23.03
C ALA A 515 8.26 11.01 22.96
N LEU A 516 8.34 12.32 22.72
CA LEU A 516 9.63 12.99 22.70
C LEU A 516 10.34 12.92 24.05
N GLU A 517 9.59 12.74 25.14
CA GLU A 517 10.19 12.68 26.46
C GLU A 517 10.94 11.38 26.72
N TYR A 518 10.84 10.40 25.81
CA TYR A 518 11.47 9.10 25.99
C TYR A 518 12.69 8.91 25.09
N GLY A 519 13.29 10.00 24.64
CA GLY A 519 14.52 9.92 23.87
C GLY A 519 14.28 9.77 22.38
N ALA A 520 14.03 10.89 21.72
CA ALA A 520 13.86 10.90 20.27
C ALA A 520 15.20 11.21 19.60
N PRO A 521 15.61 10.45 18.60
CA PRO A 521 16.87 10.75 17.91
C PRO A 521 16.67 11.91 16.95
N PRO A 522 17.75 12.54 16.50
CA PRO A 522 17.63 13.47 15.37
C PRO A 522 17.10 12.71 14.16
N HIS A 523 16.12 13.29 13.48
CA HIS A 523 15.53 12.60 12.34
C HIS A 523 14.91 13.62 11.40
N GLY A 524 14.67 13.15 10.17
CA GLY A 524 14.05 13.96 9.14
C GLY A 524 13.64 13.07 7.99
N GLY A 525 12.86 13.64 7.09
CA GLY A 525 12.36 12.85 5.98
C GLY A 525 11.79 13.71 4.89
N ILE A 526 10.95 13.07 4.07
CA ILE A 526 10.41 13.72 2.87
C ILE A 526 9.22 12.89 2.42
N ALA A 527 8.36 13.50 1.60
CA ALA A 527 7.28 12.80 0.93
C ALA A 527 7.19 13.29 -0.50
N TRP A 528 7.15 12.34 -1.45
CA TRP A 528 6.92 12.66 -2.85
C TRP A 528 5.43 12.63 -3.14
N GLY A 529 5.00 13.54 -4.02
CA GLY A 529 3.69 13.41 -4.63
C GLY A 529 3.76 12.43 -5.78
N LEU A 530 3.52 11.15 -5.50
CA LEU A 530 3.76 10.11 -6.49
C LEU A 530 2.86 10.29 -7.71
N ASP A 531 1.58 10.60 -7.50
CA ASP A 531 0.69 10.82 -8.63
C ASP A 531 1.18 11.98 -9.49
N ARG A 532 1.60 13.09 -8.85
CA ARG A 532 2.09 14.23 -9.60
C ARG A 532 3.36 13.89 -10.37
N LEU A 533 4.29 13.18 -9.72
CA LEU A 533 5.52 12.78 -10.40
C LEU A 533 5.22 11.95 -11.64
N LEU A 534 4.37 10.92 -11.50
CA LEU A 534 4.06 10.05 -12.63
C LEU A 534 3.39 10.82 -13.76
N ALA A 535 2.52 11.77 -13.43
CA ALA A 535 1.90 12.58 -14.46
C ALA A 535 2.95 13.38 -15.23
N LEU A 536 3.96 13.89 -14.53
CA LEU A 536 5.04 14.62 -15.20
C LEU A 536 5.90 13.67 -16.03
N MET A 537 6.19 12.48 -15.50
CA MET A 537 7.02 11.53 -16.23
C MET A 537 6.35 11.08 -17.53
N THR A 538 5.02 11.11 -17.58
CA THR A 538 4.27 10.69 -18.75
C THR A 538 3.76 11.85 -19.59
N GLY A 539 4.05 13.09 -19.20
CA GLY A 539 3.54 14.24 -19.92
C GLY A 539 2.03 14.34 -19.90
N SER A 540 1.39 13.78 -18.87
CA SER A 540 -0.07 13.81 -18.80
C SER A 540 -0.54 15.14 -18.21
N PRO A 541 -1.69 15.67 -18.67
CA PRO A 541 -2.18 16.94 -18.13
C PRO A 541 -2.86 16.83 -16.78
N SER A 542 -3.18 15.61 -16.33
CA SER A 542 -3.87 15.42 -15.06
C SER A 542 -3.40 14.13 -14.42
N ILE A 543 -3.39 14.09 -13.09
CA ILE A 543 -3.02 12.88 -12.38
C ILE A 543 -4.06 11.78 -12.60
N ARG A 544 -5.27 12.13 -13.05
CA ARG A 544 -6.26 11.11 -13.37
C ARG A 544 -5.72 10.12 -14.39
N GLU A 545 -4.79 10.54 -15.24
CA GLU A 545 -4.25 9.67 -16.28
C GLU A 545 -3.30 8.61 -15.74
N VAL A 546 -2.81 8.78 -14.51
CA VAL A 546 -1.89 7.83 -13.91
C VAL A 546 -2.51 7.11 -12.72
N ILE A 547 -3.81 7.25 -12.52
CA ILE A 547 -4.55 6.56 -11.45
C ILE A 547 -5.55 5.62 -12.12
N ALA A 548 -5.60 4.37 -11.64
CA ALA A 548 -6.42 3.36 -12.31
C ALA A 548 -7.89 3.75 -12.30
N PHE A 549 -8.44 4.03 -11.11
CA PHE A 549 -9.86 4.36 -10.96
C PHE A 549 -9.96 5.64 -10.15
N PRO A 550 -9.72 6.79 -10.77
CA PRO A 550 -9.77 8.06 -10.04
C PRO A 550 -11.18 8.60 -9.95
N LYS A 551 -11.34 9.62 -9.11
CA LYS A 551 -12.56 10.41 -9.12
C LYS A 551 -12.48 11.45 -10.23
N ASN A 552 -13.64 11.96 -10.64
CA ASN A 552 -13.66 13.04 -11.61
C ASN A 552 -13.27 14.35 -10.94
N LYS A 553 -13.19 15.42 -11.73
CA LYS A 553 -12.78 16.72 -11.21
C LYS A 553 -13.66 17.18 -10.06
N GLU A 554 -14.86 16.61 -9.90
CA GLU A 554 -15.78 17.01 -8.85
C GLU A 554 -15.76 16.10 -7.64
N GLY A 555 -14.90 15.07 -7.63
CA GLY A 555 -14.78 14.21 -6.49
C GLY A 555 -15.70 13.02 -6.44
N LYS A 556 -16.49 12.80 -7.49
CA LYS A 556 -17.42 11.67 -7.55
C LYS A 556 -16.90 10.64 -8.55
N ASP A 557 -17.32 9.39 -8.36
CA ASP A 557 -16.87 8.28 -9.18
C ASP A 557 -17.97 7.89 -10.16
N PRO A 558 -17.88 8.27 -11.44
CA PRO A 558 -18.95 7.92 -12.39
C PRO A 558 -19.05 6.41 -12.64
N LEU A 559 -17.98 5.66 -12.40
CA LEU A 559 -17.98 4.23 -12.69
C LEU A 559 -18.98 3.49 -11.80
N THR A 560 -18.81 3.61 -10.48
CA THR A 560 -19.64 2.87 -9.54
C THR A 560 -20.85 3.66 -9.06
N GLY A 561 -20.80 4.98 -9.13
CA GLY A 561 -21.87 5.82 -8.63
C GLY A 561 -21.64 6.38 -7.25
N ALA A 562 -20.56 5.97 -6.57
CA ALA A 562 -20.25 6.51 -5.26
C ALA A 562 -19.84 7.98 -5.40
N PRO A 563 -20.16 8.82 -4.39
CA PRO A 563 -20.88 8.47 -3.17
C PRO A 563 -22.39 8.36 -3.41
N SER A 564 -23.01 7.34 -2.83
CA SER A 564 -24.42 7.06 -3.02
C SER A 564 -25.10 6.93 -1.66
N PRO A 565 -26.42 7.03 -1.61
CA PRO A 565 -27.12 6.87 -0.32
C PRO A 565 -27.06 5.43 0.16
N VAL A 566 -27.44 5.25 1.41
CA VAL A 566 -27.52 3.93 2.02
C VAL A 566 -28.92 3.73 2.59
N PRO A 567 -29.41 2.50 2.71
CA PRO A 567 -30.70 2.28 3.36
C PRO A 567 -30.71 2.88 4.77
N GLU A 568 -31.85 3.41 5.16
CA GLU A 568 -31.95 4.05 6.48
C GLU A 568 -31.64 3.09 7.61
N GLU A 569 -31.78 1.78 7.39
CA GLU A 569 -31.41 0.81 8.42
C GLU A 569 -29.91 0.62 8.52
N GLN A 570 -29.19 0.74 7.41
CA GLN A 570 -27.74 0.70 7.47
C GLN A 570 -27.18 1.90 8.22
N LEU A 571 -27.84 3.05 8.12
CA LEU A 571 -27.42 4.24 8.85
C LEU A 571 -27.94 4.24 10.28
N ARG A 572 -29.18 3.77 10.48
CA ARG A 572 -29.71 3.65 11.83
C ARG A 572 -28.84 2.74 12.68
N GLU A 573 -28.28 1.69 12.08
CA GLU A 573 -27.44 0.76 12.85
C GLU A 573 -26.20 1.46 13.40
N LEU A 574 -25.76 2.54 12.76
CA LEU A 574 -24.62 3.32 13.25
C LEU A 574 -25.03 4.38 14.27
N GLY A 575 -26.33 4.58 14.49
CA GLY A 575 -26.77 5.57 15.45
C GLY A 575 -26.72 6.99 14.95
N LEU A 576 -26.86 7.20 13.65
CA LEU A 576 -26.82 8.53 13.05
C LEU A 576 -28.01 8.70 12.12
N MET A 577 -28.38 9.95 11.90
CA MET A 577 -29.48 10.26 10.99
C MET A 577 -29.19 11.57 10.27
N VAL A 578 -29.75 11.70 9.07
CA VAL A 578 -29.60 12.93 8.30
C VAL A 578 -30.36 14.06 8.99
N VAL A 579 -29.72 15.21 9.11
CA VAL A 579 -30.35 16.38 9.72
C VAL A 579 -31.65 16.70 8.99
N GLY B 1 29.09 13.17 4.30
CA GLY B 1 28.24 11.97 4.55
C GLY B 1 27.78 11.85 5.99
N MET B 2 27.33 10.66 6.37
CA MET B 2 26.86 10.42 7.72
C MET B 2 28.02 10.44 8.71
N ARG B 3 27.76 10.96 9.91
CA ARG B 3 28.75 10.86 10.97
C ARG B 3 28.97 9.41 11.39
N ARG B 4 27.91 8.61 11.36
CA ARG B 4 27.98 7.22 11.80
C ARG B 4 28.84 6.40 10.85
N THR B 5 29.79 5.65 11.40
CA THR B 5 30.64 4.79 10.60
C THR B 5 30.14 3.34 10.55
N HIS B 6 29.44 2.90 11.60
CA HIS B 6 28.91 1.54 11.65
C HIS B 6 27.61 1.55 12.45
N TYR B 7 26.81 0.52 12.24
CA TYR B 7 25.76 0.20 13.19
C TYR B 7 26.37 -0.37 14.46
N ALA B 8 25.88 0.08 15.61
CA ALA B 8 26.46 -0.33 16.89
C ALA B 8 26.54 -1.85 17.00
N GLY B 9 25.45 -2.54 16.71
CA GLY B 9 25.40 -3.97 16.90
C GLY B 9 26.15 -4.79 15.88
N SER B 10 26.79 -4.16 14.89
CA SER B 10 27.47 -4.88 13.82
C SER B 10 28.98 -4.96 14.01
N LEU B 11 29.51 -4.42 15.11
CA LEU B 11 30.94 -4.44 15.33
C LEU B 11 31.40 -5.83 15.75
N ARG B 12 32.59 -6.22 15.29
CA ARG B 12 33.12 -7.55 15.50
C ARG B 12 34.61 -7.44 15.82
N GLU B 13 35.26 -8.60 15.96
CA GLU B 13 36.69 -8.61 16.22
C GLU B 13 37.48 -8.04 15.05
N THR B 14 36.95 -8.15 13.83
CA THR B 14 37.63 -7.64 12.66
C THR B 14 37.80 -6.13 12.69
N HIS B 15 37.08 -5.42 13.56
CA HIS B 15 37.14 -3.97 13.63
C HIS B 15 38.11 -3.47 14.70
N VAL B 16 38.81 -4.37 15.40
CA VAL B 16 39.69 -3.94 16.48
C VAL B 16 40.77 -3.02 15.94
N GLY B 17 41.05 -1.96 16.69
CA GLY B 17 42.01 -0.96 16.28
C GLY B 17 41.43 0.17 15.46
N GLU B 18 40.20 0.05 14.98
CA GLU B 18 39.58 1.11 14.20
C GLU B 18 38.93 2.14 15.11
N GLU B 19 38.99 3.40 14.69
CA GLU B 19 38.20 4.45 15.33
C GLU B 19 36.83 4.49 14.68
N VAL B 20 35.79 4.54 15.50
CA VAL B 20 34.42 4.43 15.01
C VAL B 20 33.58 5.55 15.60
N VAL B 21 32.48 5.86 14.90
CA VAL B 21 31.48 6.79 15.36
C VAL B 21 30.14 6.05 15.37
N LEU B 22 29.47 6.05 16.52
CA LEU B 22 28.24 5.31 16.69
C LEU B 22 27.17 6.22 17.26
N GLU B 23 25.92 5.87 16.97
CA GLU B 23 24.76 6.61 17.47
C GLU B 23 23.69 5.60 17.86
N GLY B 24 23.08 5.80 19.02
CA GLY B 24 22.06 4.86 19.48
C GLY B 24 21.56 5.21 20.85
N TRP B 25 20.79 4.28 21.42
CA TRP B 25 20.18 4.43 22.73
C TRP B 25 20.99 3.70 23.79
N VAL B 26 20.92 4.22 25.01
CA VAL B 26 21.61 3.60 26.15
C VAL B 26 20.73 2.46 26.65
N ASN B 27 21.13 1.22 26.35
CA ASN B 27 20.34 0.06 26.78
C ASN B 27 20.44 -0.13 28.29
N ARG B 28 21.58 0.19 28.87
CA ARG B 28 21.78 0.06 30.31
C ARG B 28 23.10 0.72 30.67
N ARG B 29 23.21 1.14 31.93
CA ARG B 29 24.43 1.72 32.47
C ARG B 29 24.83 0.95 33.71
N ARG B 30 26.14 0.73 33.86
CA ARG B 30 26.69 0.10 35.06
C ARG B 30 28.05 0.72 35.36
N ASP B 31 28.22 1.21 36.58
CA ASP B 31 29.46 1.82 37.02
C ASP B 31 30.22 0.83 37.90
N LEU B 32 31.53 0.73 37.68
CA LEU B 32 32.35 -0.23 38.42
C LEU B 32 33.79 0.26 38.45
N GLY B 33 34.32 0.48 39.65
CA GLY B 33 35.71 0.89 39.80
C GLY B 33 36.05 2.20 39.14
N GLY B 34 35.06 3.10 39.00
CA GLY B 34 35.28 4.36 38.33
C GLY B 34 34.97 4.34 36.84
N LEU B 35 34.91 3.17 36.23
CA LEU B 35 34.52 3.07 34.83
C LEU B 35 33.01 3.15 34.70
N ILE B 36 32.56 3.69 33.57
CA ILE B 36 31.14 3.76 33.23
C ILE B 36 30.95 2.90 31.99
N PHE B 37 30.20 1.82 32.14
CA PHE B 37 29.92 0.89 31.05
C PHE B 37 28.53 1.20 30.50
N LEU B 38 28.45 1.51 29.21
CA LEU B 38 27.20 1.82 28.53
C LEU B 38 27.00 0.82 27.40
N ASP B 39 25.89 0.09 27.46
CA ASP B 39 25.50 -0.77 26.34
C ASP B 39 24.72 0.09 25.34
N LEU B 40 25.35 0.38 24.20
CA LEU B 40 24.74 1.22 23.17
C LEU B 40 23.92 0.34 22.23
N ARG B 41 22.68 0.77 21.98
CA ARG B 41 21.71 -0.01 21.21
C ARG B 41 21.34 0.72 19.94
N ASP B 42 21.32 -0.01 18.82
CA ASP B 42 20.61 0.42 17.63
C ASP B 42 19.95 -0.82 17.04
N ARG B 43 19.36 -0.69 15.86
CA ARG B 43 18.55 -1.78 15.32
C ARG B 43 19.35 -3.03 15.01
N GLU B 44 20.68 -2.95 15.02
CA GLU B 44 21.53 -4.12 14.75
C GLU B 44 22.00 -4.83 16.01
N GLY B 45 21.79 -4.26 17.20
CA GLY B 45 22.11 -4.92 18.45
C GLY B 45 22.92 -4.01 19.36
N LEU B 46 23.54 -4.63 20.36
CA LEU B 46 24.23 -3.93 21.43
C LEU B 46 25.75 -3.99 21.24
N VAL B 47 26.42 -2.94 21.69
CA VAL B 47 27.88 -2.91 21.80
C VAL B 47 28.24 -2.15 23.07
N GLN B 48 29.30 -2.59 23.74
CA GLN B 48 29.69 -2.01 25.03
C GLN B 48 30.59 -0.81 24.81
N LEU B 49 30.23 0.31 25.44
CA LEU B 49 31.08 1.49 25.50
C LEU B 49 31.71 1.59 26.87
N VAL B 50 32.96 2.05 26.92
CA VAL B 50 33.70 2.21 28.17
C VAL B 50 34.16 3.66 28.27
N ALA B 51 33.73 4.34 29.33
CA ALA B 51 34.15 5.70 29.63
C ALA B 51 35.14 5.66 30.80
N HIS B 52 36.37 6.10 30.54
CA HIS B 52 37.45 6.08 31.52
C HIS B 52 37.56 7.44 32.22
N PRO B 53 37.78 7.47 33.54
CA PRO B 53 37.83 8.76 34.24
C PRO B 53 38.73 9.80 33.60
N ALA B 54 39.84 9.37 33.00
CA ALA B 54 40.77 10.30 32.37
C ALA B 54 40.33 10.75 30.98
N SER B 55 39.16 10.30 30.51
CA SER B 55 38.75 10.64 29.16
C SER B 55 37.93 11.92 29.13
N PRO B 56 37.99 12.69 28.05
CA PRO B 56 37.08 13.83 27.91
C PRO B 56 35.61 13.42 27.89
N ALA B 57 35.32 12.19 27.47
CA ALA B 57 33.95 11.72 27.42
C ALA B 57 33.35 11.41 28.78
N TYR B 58 34.17 11.41 29.84
CA TYR B 58 33.69 10.92 31.13
C TYR B 58 32.60 11.84 31.71
N ALA B 59 32.85 13.15 31.72
CA ALA B 59 31.87 14.08 32.28
C ALA B 59 30.51 13.88 31.65
N THR B 60 30.46 13.74 30.33
CA THR B 60 29.19 13.50 29.67
C THR B 60 28.60 12.16 30.06
N ALA B 61 29.44 11.12 30.16
CA ALA B 61 28.95 9.79 30.48
C ALA B 61 28.29 9.74 31.85
N GLU B 62 28.70 10.61 32.78
CA GLU B 62 28.11 10.59 34.12
C GLU B 62 26.67 11.08 34.13
N ARG B 63 26.26 11.87 33.13
CA ARG B 63 24.89 12.34 33.06
C ARG B 63 23.94 11.30 32.47
N VAL B 64 24.47 10.31 31.75
CA VAL B 64 23.66 9.45 30.90
C VAL B 64 22.84 8.48 31.75
N ARG B 65 21.61 8.23 31.31
CA ARG B 65 20.71 7.27 31.92
C ARG B 65 20.11 6.40 30.82
N PRO B 66 19.46 5.30 31.18
CA PRO B 66 18.90 4.41 30.15
C PRO B 66 17.98 5.15 29.19
N GLU B 67 18.00 4.71 27.94
CA GLU B 67 17.19 5.22 26.84
C GLU B 67 17.61 6.62 26.38
N TRP B 68 18.66 7.19 26.94
CA TRP B 68 19.21 8.41 26.37
C TRP B 68 19.82 8.12 25.00
N VAL B 69 19.75 9.11 24.11
CA VAL B 69 20.31 9.02 22.77
C VAL B 69 21.64 9.75 22.77
N VAL B 70 22.69 9.08 22.29
CA VAL B 70 24.05 9.62 22.35
C VAL B 70 24.77 9.33 21.04
N ARG B 71 25.79 10.14 20.77
CA ARG B 71 26.75 9.89 19.71
C ARG B 71 28.09 9.61 20.37
N ALA B 72 28.69 8.48 20.02
CA ALA B 72 29.91 8.00 20.66
C ALA B 72 31.02 7.84 19.64
N LYS B 73 32.24 8.21 20.03
CA LYS B 73 33.42 8.01 19.22
C LYS B 73 34.53 7.42 20.08
N GLY B 74 35.27 6.49 19.51
CA GLY B 74 36.34 5.84 20.25
C GLY B 74 36.95 4.72 19.44
N LEU B 75 37.85 3.99 20.10
CA LEU B 75 38.61 2.91 19.48
C LEU B 75 38.02 1.56 19.87
N VAL B 76 37.92 0.68 18.88
CA VAL B 76 37.43 -0.67 19.12
C VAL B 76 38.57 -1.52 19.70
N ARG B 77 38.30 -2.21 20.80
CA ARG B 77 39.29 -3.04 21.47
C ARG B 77 38.62 -4.30 21.98
N LEU B 78 39.42 -5.36 22.12
CA LEU B 78 38.93 -6.58 22.72
C LEU B 78 38.56 -6.35 24.17
N ARG B 79 37.50 -7.02 24.62
CA ARG B 79 37.18 -7.04 26.05
C ARG B 79 38.10 -8.03 26.76
N PRO B 80 38.62 -7.69 27.94
CA PRO B 80 39.38 -8.70 28.71
C PRO B 80 38.64 -10.02 28.85
N GLU B 81 37.33 -9.96 29.14
CA GLU B 81 36.49 -11.14 29.23
C GLU B 81 35.34 -10.99 28.25
N PRO B 82 35.19 -11.86 27.26
CA PRO B 82 34.11 -11.70 26.28
C PRO B 82 32.77 -12.14 26.83
N ASN B 83 31.71 -11.52 26.28
CA ASN B 83 30.34 -11.89 26.60
C ASN B 83 29.80 -12.74 25.47
N PRO B 84 29.70 -14.07 25.63
CA PRO B 84 29.30 -14.92 24.49
C PRO B 84 27.84 -14.77 24.09
N ARG B 85 27.03 -14.04 24.86
CA ARG B 85 25.62 -13.84 24.53
C ARG B 85 25.40 -12.68 23.57
N LEU B 86 26.45 -11.99 23.14
CA LEU B 86 26.34 -10.84 22.26
C LEU B 86 27.17 -11.04 21.00
N ALA B 87 26.60 -10.66 19.86
CA ALA B 87 27.35 -10.75 18.60
C ALA B 87 28.58 -9.84 18.63
N THR B 88 28.50 -8.72 19.37
CA THR B 88 29.65 -7.86 19.60
C THR B 88 30.41 -8.22 20.86
N GLY B 89 30.14 -9.41 21.43
CA GLY B 89 30.58 -9.72 22.77
C GLY B 89 32.08 -9.73 22.96
N ARG B 90 32.86 -9.83 21.89
CA ARG B 90 34.30 -9.90 22.01
C ARG B 90 34.98 -8.53 22.06
N VAL B 91 34.26 -7.45 21.75
CA VAL B 91 34.87 -6.15 21.57
C VAL B 91 34.12 -5.12 22.41
N GLU B 92 34.75 -3.95 22.54
CA GLU B 92 34.14 -2.80 23.20
C GLU B 92 34.74 -1.55 22.56
N VAL B 93 34.18 -0.40 22.90
CA VAL B 93 34.64 0.88 22.36
C VAL B 93 35.19 1.72 23.50
N GLU B 94 36.49 2.01 23.44
CA GLU B 94 37.14 2.90 24.39
C GLU B 94 36.82 4.34 23.99
N LEU B 95 35.98 5.01 24.77
CA LEU B 95 35.43 6.29 24.35
C LEU B 95 36.47 7.39 24.41
N SER B 96 36.55 8.16 23.33
CA SER B 96 37.28 9.43 23.31
C SER B 96 36.35 10.63 23.31
N ALA B 97 35.08 10.44 22.97
CA ALA B 97 34.11 11.52 22.95
C ALA B 97 32.72 10.94 23.11
N LEU B 98 31.82 11.74 23.68
CA LEU B 98 30.44 11.33 23.89
C LEU B 98 29.57 12.58 23.94
N GLU B 99 28.46 12.55 23.21
CA GLU B 99 27.54 13.68 23.14
C GLU B 99 26.11 13.17 23.36
N VAL B 100 25.36 13.88 24.19
CA VAL B 100 23.96 13.57 24.42
C VAL B 100 23.13 14.25 23.34
N LEU B 101 22.39 13.45 22.57
CA LEU B 101 21.50 13.98 21.56
C LEU B 101 20.07 14.14 22.04
N ALA B 102 19.66 13.34 23.03
CA ALA B 102 18.32 13.42 23.58
C ALA B 102 18.30 12.73 24.95
N GLU B 103 17.60 13.35 25.89
CA GLU B 103 17.38 12.73 27.18
C GLU B 103 16.06 11.97 27.16
N ALA B 104 15.87 11.12 28.17
CA ALA B 104 14.68 10.28 28.24
C ALA B 104 14.37 9.99 29.69
N LYS B 105 13.07 9.94 30.02
CA LYS B 105 12.64 9.50 31.32
C LYS B 105 12.38 8.00 31.31
N THR B 106 12.27 7.43 32.50
CA THR B 106 12.20 5.98 32.62
C THR B 106 10.96 5.46 31.89
N PRO B 107 11.11 4.43 31.06
CA PRO B 107 9.95 3.93 30.31
C PRO B 107 9.00 3.18 31.22
N PRO B 108 7.71 3.13 30.88
CA PRO B 108 6.75 2.41 31.72
C PRO B 108 6.92 0.90 31.70
N PHE B 109 7.77 0.37 30.82
CA PHE B 109 8.12 -1.05 30.81
C PHE B 109 9.49 -1.20 30.16
N PRO B 110 10.20 -2.27 30.47
CA PRO B 110 11.57 -2.41 29.96
C PRO B 110 11.59 -2.90 28.51
N VAL B 111 12.55 -2.37 27.74
CA VAL B 111 12.76 -2.75 26.35
C VAL B 111 14.15 -3.31 26.12
N ASP B 112 14.92 -3.54 27.19
CA ASP B 112 16.34 -3.83 27.10
C ASP B 112 16.66 -5.31 27.16
N ALA B 113 15.76 -6.15 27.66
CA ALA B 113 16.12 -7.55 27.91
C ALA B 113 16.33 -8.29 26.60
N GLY B 114 15.44 -8.11 25.63
CA GLY B 114 15.54 -8.86 24.39
C GLY B 114 16.86 -8.63 23.66
N TRP B 115 17.41 -7.42 23.75
CA TRP B 115 18.65 -7.12 23.06
C TRP B 115 19.85 -7.79 23.70
N ARG B 116 19.71 -8.28 24.94
CA ARG B 116 20.77 -9.02 25.60
C ARG B 116 20.65 -10.53 25.40
N GLY B 117 19.62 -10.99 24.68
CA GLY B 117 19.36 -12.41 24.55
C GLY B 117 18.60 -13.00 25.72
N GLU B 118 18.15 -12.18 26.66
CA GLU B 118 17.45 -12.64 27.86
C GLU B 118 15.95 -12.64 27.64
N GLU B 119 15.26 -13.46 28.43
CA GLU B 119 13.81 -13.57 28.32
C GLU B 119 13.14 -12.27 28.76
N GLU B 120 12.01 -11.96 28.13
CA GLU B 120 11.26 -10.75 28.41
C GLU B 120 9.99 -11.10 29.19
N LYS B 121 9.79 -10.43 30.32
CA LYS B 121 8.59 -10.66 31.12
C LYS B 121 7.37 -10.08 30.42
N GLU B 122 6.22 -10.69 30.68
CA GLU B 122 4.98 -10.25 30.05
C GLU B 122 4.58 -8.88 30.54
N ALA B 123 4.06 -8.05 29.64
CA ALA B 123 3.58 -6.72 29.95
C ALA B 123 2.14 -6.58 29.47
N SER B 124 1.39 -5.74 30.16
CA SER B 124 0.00 -5.50 29.79
C SER B 124 -0.07 -4.98 28.35
N GLU B 125 -0.83 -5.67 27.50
CA GLU B 125 -0.90 -5.28 26.09
C GLU B 125 -1.53 -3.91 25.93
N GLU B 126 -2.54 -3.59 26.75
CA GLU B 126 -3.14 -2.25 26.69
C GLU B 126 -2.08 -1.18 26.97
N LEU B 127 -1.17 -1.46 27.91
CA LEU B 127 -0.09 -0.51 28.18
C LEU B 127 0.91 -0.47 27.02
N ARG B 128 1.23 -1.64 26.46
CA ARG B 128 2.13 -1.67 25.30
C ARG B 128 1.56 -0.86 24.15
N LEU B 129 0.25 -0.97 23.91
CA LEU B 129 -0.36 -0.22 22.82
C LEU B 129 -0.38 1.28 23.12
N LYS B 130 -0.64 1.65 24.37
CA LYS B 130 -0.63 3.07 24.72
C LYS B 130 0.74 3.67 24.47
N TYR B 131 1.80 2.91 24.71
CA TYR B 131 3.15 3.34 24.43
C TYR B 131 3.76 2.47 23.34
N ARG B 132 3.05 2.33 22.21
CA ARG B 132 3.49 1.42 21.17
C ARG B 132 4.85 1.82 20.61
N TYR B 133 5.14 3.11 20.53
CA TYR B 133 6.44 3.55 20.03
C TYR B 133 7.59 3.08 20.91
N LEU B 134 7.32 2.78 22.18
CA LEU B 134 8.32 2.16 23.05
C LEU B 134 8.32 0.64 22.91
N ASP B 135 7.12 0.04 22.83
CA ASP B 135 7.03 -1.40 22.59
C ASP B 135 7.80 -1.79 21.34
N LEU B 136 7.76 -0.94 20.30
CA LEU B 136 8.47 -1.23 19.06
C LEU B 136 9.97 -1.10 19.18
N ARG B 137 10.49 -0.65 20.33
CA ARG B 137 11.93 -0.68 20.55
C ARG B 137 12.44 -2.08 20.86
N ARG B 138 11.58 -2.98 21.31
CA ARG B 138 12.01 -4.33 21.66
C ARG B 138 12.50 -5.07 20.42
N ARG B 139 13.44 -6.00 20.65
CA ARG B 139 14.03 -6.73 19.53
C ARG B 139 13.00 -7.57 18.81
N ARG B 140 12.13 -8.27 19.54
CA ARG B 140 11.17 -9.15 18.89
C ARG B 140 10.24 -8.37 17.97
N MET B 141 9.79 -7.20 18.40
CA MET B 141 8.87 -6.42 17.58
C MET B 141 9.55 -5.92 16.31
N GLN B 142 10.82 -5.52 16.40
CA GLN B 142 11.54 -5.10 15.21
C GLN B 142 11.81 -6.28 14.28
N GLU B 143 12.09 -7.45 14.86
CA GLU B 143 12.22 -8.65 14.04
C GLU B 143 10.95 -8.92 13.24
N ASN B 144 9.79 -8.78 13.89
CA ASN B 144 8.52 -9.02 13.20
C ASN B 144 8.34 -8.05 12.05
N LEU B 145 8.56 -6.75 12.30
CA LEU B 145 8.32 -5.76 11.26
C LEU B 145 9.31 -5.91 10.11
N ARG B 146 10.56 -6.24 10.41
CA ARG B 146 11.54 -6.44 9.34
C ARG B 146 11.24 -7.71 8.55
N LEU B 147 10.68 -8.73 9.21
CA LEU B 147 10.20 -9.90 8.48
C LEU B 147 9.07 -9.51 7.53
N ARG B 148 8.12 -8.71 8.02
CA ARG B 148 7.03 -8.23 7.17
C ARG B 148 7.58 -7.53 5.94
N HIS B 149 8.63 -6.73 6.11
CA HIS B 149 9.27 -6.09 4.97
C HIS B 149 9.85 -7.13 4.00
N ARG B 150 10.57 -8.10 4.54
CA ARG B 150 11.20 -9.11 3.68
C ARG B 150 10.15 -9.91 2.93
N VAL B 151 9.01 -10.18 3.55
CA VAL B 151 7.96 -10.95 2.89
C VAL B 151 7.37 -10.17 1.73
N ILE B 152 7.01 -8.91 1.97
CA ILE B 152 6.42 -8.10 0.92
C ILE B 152 7.41 -7.88 -0.22
N LYS B 153 8.68 -7.64 0.11
CA LYS B 153 9.68 -7.45 -0.93
C LYS B 153 9.84 -8.71 -1.77
N ALA B 154 9.79 -9.88 -1.14
CA ALA B 154 9.86 -11.13 -1.89
C ALA B 154 8.65 -11.31 -2.79
N ILE B 155 7.47 -10.88 -2.32
CA ILE B 155 6.27 -10.95 -3.15
C ILE B 155 6.43 -10.08 -4.39
N TRP B 156 6.90 -8.84 -4.19
CA TRP B 156 7.14 -7.95 -5.31
C TRP B 156 8.11 -8.57 -6.31
N ASP B 157 9.21 -9.14 -5.82
CA ASP B 157 10.20 -9.73 -6.71
C ASP B 157 9.61 -10.86 -7.54
N PHE B 158 8.91 -11.79 -6.90
CA PHE B 158 8.40 -12.96 -7.60
C PHE B 158 7.33 -12.59 -8.60
N LEU B 159 6.34 -11.80 -8.18
CA LEU B 159 5.21 -11.50 -9.05
C LEU B 159 5.60 -10.54 -10.18
N ASP B 160 6.51 -9.60 -9.90
CA ASP B 160 7.05 -8.79 -10.98
C ASP B 160 7.75 -9.66 -12.00
N ARG B 161 8.49 -10.67 -11.53
CA ARG B 161 9.16 -11.60 -12.43
C ARG B 161 8.16 -12.40 -13.25
N GLU B 162 6.98 -12.67 -12.71
CA GLU B 162 5.96 -13.47 -13.39
C GLU B 162 5.04 -12.63 -14.26
N GLY B 163 5.29 -11.33 -14.38
CA GLY B 163 4.50 -10.48 -15.26
C GLY B 163 3.28 -9.85 -14.63
N PHE B 164 3.13 -9.92 -13.31
CA PHE B 164 2.01 -9.29 -12.64
C PHE B 164 2.26 -7.78 -12.54
N VAL B 165 1.19 -7.01 -12.73
CA VAL B 165 1.24 -5.55 -12.66
C VAL B 165 0.57 -5.12 -11.37
N GLN B 166 1.33 -4.43 -10.51
CA GLN B 166 0.76 -3.88 -9.29
C GLN B 166 -0.11 -2.68 -9.63
N VAL B 167 -1.36 -2.72 -9.21
CA VAL B 167 -2.30 -1.62 -9.41
C VAL B 167 -2.92 -1.27 -8.08
N GLU B 168 -2.96 0.03 -7.77
CA GLU B 168 -3.59 0.52 -6.56
C GLU B 168 -5.05 0.86 -6.86
N THR B 169 -5.96 0.37 -6.03
CA THR B 169 -7.38 0.53 -6.23
C THR B 169 -7.97 1.50 -5.21
N PRO B 170 -9.18 2.00 -5.44
CA PRO B 170 -9.71 3.08 -4.61
C PRO B 170 -9.99 2.66 -3.18
N PHE B 171 -9.92 3.64 -2.28
CA PHE B 171 -10.34 3.48 -0.90
C PHE B 171 -11.70 4.12 -0.61
N LEU B 172 -12.12 5.09 -1.42
CA LEU B 172 -13.43 5.72 -1.30
C LEU B 172 -14.27 5.24 -2.48
N THR B 173 -15.17 4.30 -2.22
CA THR B 173 -15.91 3.63 -3.29
C THR B 173 -17.33 3.40 -2.82
N LYS B 174 -18.05 2.52 -3.53
CA LYS B 174 -19.42 2.18 -3.22
C LYS B 174 -19.46 0.93 -2.34
N SER B 175 -20.50 0.84 -1.50
CA SER B 175 -20.73 -0.34 -0.64
C SER B 175 -20.22 -1.62 -1.30
N PRO B 177 -18.61 -6.40 -1.11
CA PRO B 177 -19.63 -7.45 -0.95
C PRO B 177 -19.09 -8.69 -0.24
N GLU B 178 -17.95 -8.58 0.41
CA GLU B 178 -17.27 -9.75 1.00
C GLU B 178 -18.01 -10.39 2.18
N GLY B 179 -19.28 -10.07 2.46
CA GLY B 179 -19.97 -10.74 3.54
C GLY B 179 -19.70 -10.15 4.91
N ALA B 180 -19.68 -8.83 5.01
CA ALA B 180 -19.47 -8.15 6.28
C ALA B 180 -20.16 -6.80 6.22
N ARG B 181 -20.02 -6.01 7.29
CA ARG B 181 -20.62 -4.70 7.35
C ARG B 181 -19.61 -3.65 6.88
N ASP B 182 -20.10 -2.68 6.11
CA ASP B 182 -19.23 -1.67 5.52
C ASP B 182 -18.92 -0.55 6.51
N PHE B 183 -17.70 -0.03 6.43
CA PHE B 183 -17.35 1.23 7.04
C PHE B 183 -17.69 2.36 6.07
N LEU B 184 -18.37 3.39 6.58
CA LEU B 184 -18.89 4.47 5.74
C LEU B 184 -18.11 5.76 5.97
N VAL B 185 -18.06 6.57 4.92
CA VAL B 185 -17.43 7.90 4.98
C VAL B 185 -18.44 8.92 4.48
N PRO B 186 -18.95 9.83 5.31
CA PRO B 186 -19.96 10.78 4.85
C PRO B 186 -19.42 11.69 3.75
N TYR B 187 -20.25 11.93 2.73
CA TYR B 187 -19.93 12.90 1.70
C TYR B 187 -20.42 14.27 2.15
N ARG B 188 -19.48 15.20 2.33
CA ARG B 188 -19.78 16.46 3.00
C ARG B 188 -20.71 17.34 2.18
N HIS B 189 -20.50 17.40 0.86
CA HIS B 189 -21.24 18.35 0.04
C HIS B 189 -22.71 17.98 -0.15
N GLU B 190 -23.12 16.78 0.25
CA GLU B 190 -24.51 16.35 0.11
C GLU B 190 -24.82 15.29 1.15
N PRO B 191 -25.29 15.70 2.33
CA PRO B 191 -25.61 14.72 3.38
C PRO B 191 -26.52 13.62 2.85
N GLY B 192 -26.44 12.46 3.50
CA GLY B 192 -27.09 11.26 3.03
C GLY B 192 -26.27 10.45 2.05
N LEU B 193 -25.30 11.07 1.39
CA LEU B 193 -24.38 10.36 0.51
C LEU B 193 -23.16 9.92 1.30
N PHE B 194 -22.68 8.71 1.01
CA PHE B 194 -21.54 8.14 1.71
C PHE B 194 -20.65 7.41 0.72
N TYR B 195 -19.35 7.42 0.99
CA TYR B 195 -18.46 6.41 0.43
C TYR B 195 -18.44 5.21 1.36
N ALA B 196 -17.95 4.10 0.83
CA ALA B 196 -17.68 2.91 1.62
C ALA B 196 -16.22 2.54 1.47
N LEU B 197 -15.57 2.24 2.58
CA LEU B 197 -14.23 1.69 2.50
C LEU B 197 -14.31 0.26 1.95
N PRO B 198 -13.31 -0.16 1.17
CA PRO B 198 -13.43 -1.46 0.48
C PRO B 198 -13.25 -2.61 1.45
N GLN B 199 -14.22 -3.54 1.42
CA GLN B 199 -14.02 -4.81 2.11
C GLN B 199 -12.97 -5.66 1.39
N SER B 200 -12.81 -5.42 0.09
CA SER B 200 -11.75 -6.04 -0.70
C SER B 200 -11.70 -5.34 -2.06
N PRO B 201 -10.65 -5.55 -2.85
CA PRO B 201 -10.62 -4.96 -4.19
C PRO B 201 -11.26 -5.85 -5.25
N GLN B 202 -12.10 -6.80 -4.81
CA GLN B 202 -12.62 -7.86 -5.68
C GLN B 202 -13.10 -7.34 -7.02
N LEU B 203 -14.06 -6.42 -7.03
CA LEU B 203 -14.65 -6.00 -8.29
C LEU B 203 -13.69 -5.15 -9.11
N PHE B 204 -12.79 -4.41 -8.47
CA PHE B 204 -11.83 -3.62 -9.23
C PHE B 204 -10.81 -4.51 -9.92
N LYS B 205 -10.37 -5.58 -9.26
CA LYS B 205 -9.39 -6.46 -9.90
C LYS B 205 -10.01 -7.27 -11.02
N GLN B 206 -11.31 -7.56 -10.95
CA GLN B 206 -11.97 -8.21 -12.06
C GLN B 206 -12.11 -7.26 -13.24
N MET B 207 -12.43 -5.99 -12.97
CA MET B 207 -12.49 -5.01 -14.04
C MET B 207 -11.12 -4.77 -14.67
N LEU B 208 -10.04 -4.95 -13.89
CA LEU B 208 -8.71 -4.87 -14.47
C LEU B 208 -8.45 -6.03 -15.41
N MET B 209 -9.10 -7.18 -15.20
CA MET B 209 -9.01 -8.26 -16.17
C MET B 209 -9.85 -7.94 -17.40
N VAL B 210 -11.02 -7.33 -17.21
CA VAL B 210 -11.81 -6.86 -18.33
C VAL B 210 -11.03 -5.84 -19.15
N ALA B 211 -10.14 -5.09 -18.50
CA ALA B 211 -9.35 -4.08 -19.18
C ALA B 211 -8.17 -4.67 -19.95
N GLY B 212 -7.87 -5.95 -19.75
CA GLY B 212 -6.83 -6.61 -20.52
C GLY B 212 -5.45 -6.59 -19.91
N LEU B 213 -5.32 -6.25 -18.62
CA LEU B 213 -4.01 -6.25 -17.99
C LEU B 213 -3.50 -7.66 -17.71
N ASP B 214 -4.35 -8.67 -17.82
CA ASP B 214 -3.97 -10.08 -17.77
C ASP B 214 -3.69 -10.59 -16.38
N ARG B 215 -2.82 -9.92 -15.63
CA ARG B 215 -2.51 -10.37 -14.27
C ARG B 215 -2.14 -9.18 -13.40
N TYR B 216 -2.74 -9.14 -12.20
CA TYR B 216 -2.63 -8.02 -11.30
C TYR B 216 -2.31 -8.51 -9.90
N PHE B 217 -1.68 -7.65 -9.09
CA PHE B 217 -1.54 -7.92 -7.67
C PHE B 217 -1.50 -6.59 -6.92
N GLN B 218 -1.73 -6.67 -5.62
CA GLN B 218 -1.73 -5.48 -4.78
C GLN B 218 -1.62 -5.93 -3.33
N ILE B 219 -0.80 -5.21 -2.56
CA ILE B 219 -0.84 -5.30 -1.10
C ILE B 219 -1.93 -4.36 -0.66
N ALA B 220 -3.16 -4.87 -0.56
CA ALA B 220 -4.34 -4.04 -0.38
C ALA B 220 -4.79 -4.07 1.08
N ARG B 221 -5.26 -2.91 1.55
CA ARG B 221 -5.85 -2.80 2.88
C ARG B 221 -7.35 -2.98 2.76
N CYS B 222 -7.90 -3.85 3.60
CA CYS B 222 -9.32 -4.17 3.58
C CYS B 222 -9.96 -3.74 4.89
N PHE B 223 -11.22 -3.29 4.82
CA PHE B 223 -11.94 -2.75 5.96
C PHE B 223 -13.26 -3.50 6.09
N ARG B 224 -13.46 -4.16 7.23
CA ARG B 224 -14.68 -4.93 7.48
C ARG B 224 -15.10 -4.72 8.92
N ASP B 225 -16.32 -4.23 9.11
CA ASP B 225 -16.87 -3.94 10.44
C ASP B 225 -17.62 -5.18 10.92
N GLU B 226 -16.90 -6.06 11.60
CA GLU B 226 -17.47 -7.30 12.11
C GLU B 226 -17.45 -7.29 13.64
N ASP B 227 -18.33 -8.12 14.22
CA ASP B 227 -18.44 -8.22 15.67
C ASP B 227 -17.64 -9.41 16.19
N LEU B 228 -18.33 -10.48 16.58
CA LEU B 228 -17.67 -11.66 17.13
C LEU B 228 -16.69 -12.24 16.11
N ARG B 229 -15.42 -11.86 16.21
CA ARG B 229 -14.38 -12.41 15.35
C ARG B 229 -13.14 -12.65 16.19
N ALA B 230 -12.54 -13.83 16.04
CA ALA B 230 -11.34 -14.17 16.79
C ALA B 230 -10.18 -13.33 16.31
N ASP B 231 -9.62 -12.49 17.20
CA ASP B 231 -8.46 -11.66 16.89
C ASP B 231 -8.80 -10.68 15.76
N ARG B 232 -9.91 -9.96 15.95
CA ARG B 232 -10.42 -9.07 14.92
C ARG B 232 -9.68 -7.74 14.92
N GLN B 233 -9.40 -7.23 13.72
CA GLN B 233 -8.96 -5.87 13.50
C GLN B 233 -9.90 -5.19 12.52
N PRO B 234 -10.28 -3.93 12.76
CA PRO B 234 -11.24 -3.29 11.84
C PRO B 234 -10.73 -3.24 10.42
N ASP B 235 -9.42 -3.17 10.22
CA ASP B 235 -8.83 -3.26 8.90
C ASP B 235 -7.65 -4.23 8.95
N PHE B 236 -7.31 -4.80 7.80
CA PHE B 236 -6.24 -5.77 7.70
C PHE B 236 -5.67 -5.72 6.30
N THR B 237 -4.59 -6.46 6.09
CA THR B 237 -3.83 -6.42 4.85
C THR B 237 -3.95 -7.74 4.10
N GLN B 238 -4.14 -7.64 2.80
CA GLN B 238 -4.22 -8.80 1.91
C GLN B 238 -3.17 -8.69 0.82
N LEU B 239 -2.60 -9.84 0.45
CA LEU B 239 -1.97 -10.00 -0.86
C LEU B 239 -3.09 -10.39 -1.82
N ASP B 240 -3.49 -9.46 -2.66
CA ASP B 240 -4.58 -9.66 -3.61
C ASP B 240 -4.00 -9.81 -5.00
N LEU B 241 -4.51 -10.76 -5.78
CA LEU B 241 -4.02 -10.97 -7.13
C LEU B 241 -5.11 -11.60 -7.99
N GLU B 242 -4.99 -11.40 -9.30
CA GLU B 242 -5.97 -11.88 -10.26
C GLU B 242 -5.24 -12.27 -11.54
N MET B 243 -5.81 -13.23 -12.26
CA MET B 243 -5.21 -13.74 -13.48
C MET B 243 -6.30 -13.99 -14.51
N SER B 244 -5.93 -13.85 -15.79
CA SER B 244 -6.83 -14.08 -16.90
C SER B 244 -6.45 -15.37 -17.63
N PHE B 245 -7.44 -15.97 -18.29
CA PHE B 245 -7.24 -17.18 -19.08
C PHE B 245 -6.57 -18.27 -18.24
N VAL B 246 -7.13 -18.51 -17.06
CA VAL B 246 -6.58 -19.48 -16.11
C VAL B 246 -7.67 -20.46 -15.72
N GLU B 247 -7.25 -21.69 -15.42
CA GLU B 247 -8.07 -22.66 -14.72
C GLU B 247 -7.64 -22.69 -13.26
N VAL B 248 -8.39 -23.45 -12.46
CA VAL B 248 -8.07 -23.57 -11.03
C VAL B 248 -6.61 -23.96 -10.85
N GLU B 249 -6.17 -24.98 -11.61
CA GLU B 249 -4.81 -25.48 -11.45
C GLU B 249 -3.78 -24.38 -11.65
N ASP B 250 -4.05 -23.46 -12.58
CA ASP B 250 -3.08 -22.40 -12.85
C ASP B 250 -2.93 -21.47 -11.65
N VAL B 251 -4.05 -21.07 -11.04
CA VAL B 251 -3.97 -20.20 -9.87
C VAL B 251 -3.26 -20.91 -8.72
N LEU B 252 -3.56 -22.19 -8.52
CA LEU B 252 -2.91 -22.93 -7.45
C LEU B 252 -1.41 -23.03 -7.69
N GLU B 253 -1.02 -23.43 -8.91
CA GLU B 253 0.39 -23.61 -9.22
C GLU B 253 1.19 -22.37 -8.91
N LEU B 254 0.72 -21.21 -9.37
CA LEU B 254 1.48 -19.98 -9.18
C LEU B 254 1.59 -19.61 -7.70
N ASN B 255 0.54 -19.89 -6.92
CA ASN B 255 0.53 -19.45 -5.53
C ASN B 255 1.49 -20.26 -4.67
N GLU B 256 1.55 -21.58 -4.87
CA GLU B 256 2.48 -22.38 -4.07
C GLU B 256 3.91 -22.06 -4.44
N ARG B 257 4.19 -21.79 -5.73
CA ARG B 257 5.52 -21.34 -6.11
C ARG B 257 5.85 -20.01 -5.45
N LEU B 258 4.87 -19.10 -5.40
CA LEU B 258 5.07 -17.82 -4.73
C LEU B 258 5.32 -18.02 -3.24
N MET B 259 4.50 -18.85 -2.59
CA MET B 259 4.67 -19.09 -1.16
C MET B 259 6.02 -19.71 -0.87
N ALA B 260 6.45 -20.67 -1.70
CA ALA B 260 7.75 -21.28 -1.48
C ALA B 260 8.87 -20.25 -1.59
N HIS B 261 8.71 -19.29 -2.50
CA HIS B 261 9.73 -18.24 -2.63
C HIS B 261 9.76 -17.35 -1.41
N VAL B 262 8.58 -16.97 -0.90
CA VAL B 262 8.52 -16.12 0.29
C VAL B 262 9.23 -16.80 1.46
N PHE B 263 8.82 -18.02 1.77
CA PHE B 263 9.40 -18.71 2.93
C PHE B 263 10.90 -18.91 2.78
N ARG B 264 11.36 -19.16 1.55
CA ARG B 264 12.79 -19.38 1.34
C ARG B 264 13.57 -18.08 1.53
N GLU B 265 13.08 -16.98 0.95
CA GLU B 265 13.80 -15.72 1.02
C GLU B 265 13.64 -15.01 2.34
N ALA B 266 12.47 -15.11 2.97
CA ALA B 266 12.19 -14.38 4.21
C ALA B 266 12.53 -15.18 5.45
N LEU B 267 12.26 -16.50 5.46
CA LEU B 267 12.53 -17.35 6.61
C LEU B 267 13.67 -18.33 6.40
N GLY B 268 14.11 -18.55 5.16
CA GLY B 268 15.09 -19.58 4.91
C GLY B 268 14.55 -20.98 5.05
N VAL B 269 13.24 -21.16 4.87
CA VAL B 269 12.58 -22.44 5.04
C VAL B 269 12.20 -22.98 3.66
N GLU B 270 12.51 -24.25 3.42
CA GLU B 270 12.12 -24.92 2.19
C GLU B 270 10.74 -25.55 2.37
N LEU B 271 9.83 -25.24 1.46
CA LEU B 271 8.49 -25.83 1.48
C LEU B 271 8.41 -26.87 0.36
N PRO B 272 8.26 -28.16 0.66
CA PRO B 272 8.14 -29.15 -0.41
C PRO B 272 6.96 -28.83 -1.31
N LEU B 273 7.16 -29.03 -2.61
CA LEU B 273 6.13 -28.76 -3.59
C LEU B 273 5.85 -30.03 -4.41
N PRO B 274 4.61 -30.18 -4.92
CA PRO B 274 3.48 -29.27 -4.69
C PRO B 274 2.85 -29.44 -3.31
N PHE B 275 1.98 -28.52 -2.92
CA PHE B 275 1.25 -28.67 -1.67
C PHE B 275 0.27 -29.83 -1.78
N PRO B 276 -0.01 -30.51 -0.67
CA PRO B 276 -1.09 -31.50 -0.69
C PRO B 276 -2.43 -30.85 -0.98
N ARG B 277 -3.27 -31.58 -1.73
CA ARG B 277 -4.58 -31.10 -2.11
C ARG B 277 -5.64 -32.05 -1.56
N LEU B 278 -6.71 -31.47 -1.02
CA LEU B 278 -7.84 -32.23 -0.51
C LEU B 278 -9.12 -31.51 -0.90
N SER B 279 -10.14 -32.27 -1.29
CA SER B 279 -11.43 -31.67 -1.59
C SER B 279 -12.15 -31.32 -0.30
N TYR B 280 -13.18 -30.48 -0.43
CA TYR B 280 -13.98 -30.12 0.74
C TYR B 280 -14.57 -31.36 1.39
N GLU B 281 -15.16 -32.24 0.57
CA GLU B 281 -15.76 -33.46 1.11
C GLU B 281 -14.71 -34.36 1.74
N GLU B 282 -13.58 -34.56 1.05
CA GLU B 282 -12.52 -35.41 1.58
C GLU B 282 -11.92 -34.82 2.85
N ALA B 283 -11.86 -33.49 2.95
CA ALA B 283 -11.29 -32.85 4.13
C ALA B 283 -12.23 -32.98 5.32
N MET B 284 -13.54 -32.85 5.09
CA MET B 284 -14.51 -32.98 6.17
C MET B 284 -14.55 -34.42 6.70
N GLU B 285 -14.53 -35.40 5.80
CA GLU B 285 -14.60 -36.79 6.22
C GLU B 285 -13.37 -37.18 7.04
N ARG B 286 -12.19 -36.82 6.56
CA ARG B 286 -10.96 -37.25 7.21
C ARG B 286 -10.56 -36.40 8.41
N TYR B 287 -11.04 -35.15 8.48
CA TYR B 287 -10.63 -34.24 9.54
C TYR B 287 -11.78 -33.49 10.19
N GLY B 288 -12.98 -33.51 9.61
CA GLY B 288 -14.07 -32.72 10.16
C GLY B 288 -13.78 -31.24 10.17
N SER B 289 -13.05 -30.74 9.18
CA SER B 289 -12.69 -29.33 9.11
C SER B 289 -12.29 -28.99 7.68
N ASP B 290 -12.79 -27.87 7.18
CA ASP B 290 -12.40 -27.37 5.88
C ASP B 290 -11.08 -26.62 5.92
N LYS B 291 -10.41 -26.62 7.07
CA LYS B 291 -9.05 -26.09 7.21
C LYS B 291 -8.26 -27.08 8.06
N PRO B 292 -7.95 -28.26 7.52
CA PRO B 292 -7.32 -29.30 8.34
C PRO B 292 -5.93 -28.89 8.83
N ASP B 293 -5.59 -29.37 10.02
CA ASP B 293 -4.26 -29.24 10.59
C ASP B 293 -3.52 -30.55 10.35
N LEU B 294 -2.57 -30.53 9.41
CA LEU B 294 -1.86 -31.74 9.00
C LEU B 294 -0.58 -31.97 9.79
N ARG B 295 -0.35 -31.23 10.87
CA ARG B 295 0.85 -31.45 11.68
C ARG B 295 0.75 -32.71 12.53
N PHE B 296 -0.35 -33.45 12.45
CA PHE B 296 -0.46 -34.73 13.13
C PHE B 296 -1.54 -35.54 12.43
N GLY B 297 -1.69 -36.79 12.85
CA GLY B 297 -2.63 -37.70 12.25
C GLY B 297 -3.97 -37.73 12.95
N LEU B 298 -4.31 -38.87 13.53
CA LEU B 298 -5.58 -39.04 14.25
C LEU B 298 -6.76 -38.74 13.35
N GLU B 299 -6.79 -39.39 12.19
CA GLU B 299 -7.86 -39.17 11.24
C GLU B 299 -9.15 -39.81 11.71
N LEU B 300 -10.27 -39.30 11.19
CA LEU B 300 -11.59 -39.77 11.56
C LEU B 300 -12.02 -40.92 10.66
N LYS B 301 -12.62 -41.94 11.26
CA LYS B 301 -13.17 -43.07 10.52
C LYS B 301 -14.69 -43.06 10.64
N GLU B 302 -15.36 -43.29 9.52
CA GLU B 302 -16.81 -43.39 9.49
C GLU B 302 -17.24 -44.80 9.87
N VAL B 303 -18.05 -44.92 10.93
CA VAL B 303 -18.52 -46.22 11.39
C VAL B 303 -20.05 -46.17 11.50
N GLY B 304 -20.71 -46.08 10.34
CA GLY B 304 -22.16 -46.13 10.27
C GLY B 304 -22.68 -47.47 9.83
N PRO B 305 -22.09 -48.05 8.78
CA PRO B 305 -22.57 -49.34 8.26
C PRO B 305 -22.36 -50.49 9.23
N LEU B 306 -21.68 -50.27 10.35
CA LEU B 306 -21.52 -51.28 11.38
C LEU B 306 -22.69 -51.37 12.35
N PHE B 307 -23.60 -50.41 12.37
CA PHE B 307 -24.64 -50.38 13.40
C PHE B 307 -26.03 -50.54 12.80
N ARG B 308 -26.13 -51.04 11.56
CA ARG B 308 -27.45 -51.16 10.96
C ARG B 308 -28.23 -52.31 11.57
N GLN B 309 -27.56 -53.22 12.27
CA GLN B 309 -28.19 -54.28 13.04
C GLN B 309 -28.05 -54.08 14.55
N SER B 310 -27.75 -52.87 15.01
CA SER B 310 -27.45 -52.67 16.42
C SER B 310 -28.70 -52.33 17.23
N GLY B 311 -28.74 -52.86 18.46
CA GLY B 311 -29.75 -52.51 19.43
C GLY B 311 -29.63 -51.11 19.98
N PHE B 312 -28.54 -50.41 19.67
CA PHE B 312 -28.28 -49.05 20.13
C PHE B 312 -28.97 -48.11 19.15
N ARG B 313 -30.19 -47.70 19.48
CA ARG B 313 -31.00 -46.97 18.51
C ARG B 313 -30.35 -45.67 18.09
N VAL B 314 -29.57 -45.04 18.99
CA VAL B 314 -28.97 -43.75 18.68
C VAL B 314 -27.88 -43.87 17.62
N PHE B 315 -27.15 -44.99 17.59
CA PHE B 315 -26.21 -45.24 16.50
C PHE B 315 -26.90 -45.75 15.24
N GLN B 316 -27.77 -46.76 15.37
CA GLN B 316 -28.28 -47.44 14.19
C GLN B 316 -29.12 -46.50 13.33
N GLU B 317 -29.82 -45.54 13.95
CA GLU B 317 -30.62 -44.60 13.20
C GLU B 317 -29.81 -43.42 12.67
N ALA B 318 -28.60 -43.20 13.20
CA ALA B 318 -27.89 -41.96 12.91
C ALA B 318 -27.38 -41.98 11.47
N GLU B 319 -27.47 -40.82 10.80
CA GLU B 319 -26.85 -40.69 9.49
C GLU B 319 -25.37 -41.03 9.51
N SER B 320 -24.64 -40.57 10.53
CA SER B 320 -23.21 -40.81 10.63
C SER B 320 -22.82 -41.14 12.07
N VAL B 321 -21.86 -42.04 12.23
CA VAL B 321 -21.16 -42.26 13.49
C VAL B 321 -19.66 -42.19 13.20
N LYS B 322 -19.00 -41.15 13.71
CA LYS B 322 -17.56 -40.97 13.54
C LYS B 322 -16.82 -41.45 14.78
N ALA B 323 -15.69 -42.12 14.56
CA ALA B 323 -14.86 -42.64 15.64
C ALA B 323 -13.44 -42.10 15.52
N LEU B 324 -12.75 -42.01 16.65
CA LEU B 324 -11.37 -41.54 16.72
C LEU B 324 -10.62 -42.33 17.79
N ALA B 325 -9.45 -42.85 17.44
CA ALA B 325 -8.62 -43.60 18.39
C ALA B 325 -7.44 -42.75 18.83
N LEU B 326 -7.39 -42.43 20.13
CA LEU B 326 -6.34 -41.65 20.78
C LEU B 326 -5.36 -42.58 21.49
N PRO B 327 -4.04 -42.39 21.34
CA PRO B 327 -3.10 -43.32 22.00
C PRO B 327 -2.89 -43.03 23.49
N LYS B 328 -4.00 -43.04 24.25
CA LYS B 328 -3.92 -42.74 25.67
C LYS B 328 -5.23 -43.10 26.33
N ALA B 329 -5.15 -43.52 27.60
CA ALA B 329 -6.31 -43.82 28.43
C ALA B 329 -6.72 -42.55 29.18
N LEU B 330 -7.74 -41.85 28.67
CA LEU B 330 -8.11 -40.57 29.27
C LEU B 330 -8.74 -40.75 30.64
N SER B 331 -8.53 -39.74 31.49
CA SER B 331 -9.26 -39.59 32.74
C SER B 331 -10.68 -39.15 32.46
N ARG B 332 -11.58 -39.39 33.43
CA ARG B 332 -12.94 -38.93 33.24
C ARG B 332 -12.98 -37.41 33.10
N LYS B 333 -12.06 -36.71 33.75
CA LYS B 333 -11.99 -35.26 33.59
C LYS B 333 -11.64 -34.91 32.15
N GLU B 334 -10.61 -35.55 31.61
CA GLU B 334 -10.21 -35.27 30.23
C GLU B 334 -11.33 -35.63 29.27
N VAL B 335 -11.97 -36.79 29.49
CA VAL B 335 -13.13 -37.17 28.68
C VAL B 335 -14.21 -36.09 28.80
N ALA B 336 -14.48 -35.65 30.03
CA ALA B 336 -15.49 -34.61 30.22
C ALA B 336 -15.09 -33.31 29.57
N GLU B 337 -13.79 -33.01 29.51
CA GLU B 337 -13.33 -31.83 28.80
C GLU B 337 -13.64 -31.94 27.31
N LEU B 338 -13.28 -33.07 26.72
CA LEU B 338 -13.59 -33.30 25.30
C LEU B 338 -15.10 -33.36 25.06
N GLU B 339 -15.85 -33.94 26.00
CA GLU B 339 -17.30 -33.94 25.88
C GLU B 339 -17.86 -32.53 25.83
N GLU B 340 -17.32 -31.61 26.62
CA GLU B 340 -17.84 -30.25 26.58
C GLU B 340 -17.51 -29.58 25.25
N VAL B 341 -16.29 -29.76 24.76
CA VAL B 341 -15.93 -29.28 23.42
C VAL B 341 -16.89 -29.87 22.38
N ALA B 342 -17.10 -31.19 22.43
CA ALA B 342 -17.97 -31.85 21.47
C ALA B 342 -19.38 -31.27 21.50
N LYS B 343 -19.93 -31.07 22.69
CA LYS B 343 -21.30 -30.56 22.83
C LYS B 343 -21.42 -29.12 22.35
N ARG B 344 -20.35 -28.32 22.51
CA ARG B 344 -20.35 -26.96 21.98
C ARG B 344 -20.44 -26.91 20.45
N HIS B 345 -20.13 -28.01 19.76
CA HIS B 345 -20.25 -28.06 18.31
C HIS B 345 -21.47 -28.85 17.84
N LYS B 346 -22.55 -28.84 18.62
CA LYS B 346 -23.86 -29.35 18.19
C LYS B 346 -23.94 -30.87 18.27
N ALA B 347 -22.95 -31.52 18.85
CA ALA B 347 -23.00 -32.97 18.99
C ALA B 347 -24.00 -33.36 20.06
N GLN B 348 -24.56 -34.56 19.92
CA GLN B 348 -25.45 -35.12 20.91
C GLN B 348 -24.71 -35.58 22.16
N GLY B 349 -23.41 -35.74 22.07
CA GLY B 349 -22.64 -36.20 23.21
C GLY B 349 -21.32 -36.75 22.75
N LEU B 350 -20.57 -37.26 23.72
CA LEU B 350 -19.27 -37.85 23.45
C LEU B 350 -19.30 -39.20 24.15
N ALA B 351 -19.03 -40.25 23.39
CA ALA B 351 -18.89 -41.58 23.94
C ALA B 351 -17.41 -41.85 24.12
N TRP B 352 -17.10 -42.75 25.02
CA TRP B 352 -15.71 -43.01 25.35
C TRP B 352 -15.58 -44.45 25.78
N ALA B 353 -14.34 -44.94 25.79
CA ALA B 353 -14.11 -46.27 26.37
C ALA B 353 -12.60 -46.44 26.63
N ARG B 354 -12.13 -47.67 26.57
CA ARG B 354 -10.70 -47.99 26.62
C ARG B 354 -10.46 -49.26 25.82
N VAL B 355 -9.28 -49.33 25.22
CA VAL B 355 -8.82 -50.53 24.51
C VAL B 355 -7.90 -51.29 25.46
N GLU B 356 -8.25 -52.52 25.75
CA GLU B 356 -7.52 -53.42 26.63
C GLU B 356 -7.09 -54.67 25.85
N GLU B 357 -6.39 -55.57 26.55
CA GLU B 357 -5.63 -56.60 25.86
C GLU B 357 -6.51 -57.51 25.01
N GLY B 358 -7.74 -57.76 25.45
CA GLY B 358 -8.64 -58.63 24.73
C GLY B 358 -9.97 -57.96 24.48
N GLY B 359 -10.58 -57.45 25.53
CA GLY B 359 -11.87 -56.80 25.49
C GLY B 359 -11.73 -55.29 25.63
N PHE B 360 -12.80 -54.66 26.11
CA PHE B 360 -12.86 -53.21 26.20
C PHE B 360 -13.21 -52.85 27.63
N SER B 361 -12.91 -51.61 28.03
CA SER B 361 -13.29 -51.15 29.36
C SER B 361 -13.54 -49.65 29.40
N GLY B 362 -14.51 -49.26 30.23
CA GLY B 362 -14.87 -47.88 30.42
C GLY B 362 -15.90 -47.37 29.42
N GLY B 363 -16.58 -46.29 29.83
CA GLY B 363 -17.55 -45.62 28.99
C GLY B 363 -18.56 -46.57 28.36
N VAL B 364 -18.59 -46.58 27.03
CA VAL B 364 -19.58 -47.31 26.26
C VAL B 364 -19.01 -48.67 25.90
N ALA B 365 -17.95 -49.08 26.61
CA ALA B 365 -17.25 -50.33 26.31
C ALA B 365 -18.22 -51.48 26.14
N LYS B 366 -19.28 -51.51 26.96
CA LYS B 366 -20.25 -52.61 26.87
C LYS B 366 -20.78 -52.72 25.45
N PHE B 367 -21.10 -51.59 24.82
CA PHE B 367 -21.68 -51.60 23.48
C PHE B 367 -20.61 -51.78 22.40
N LEU B 368 -19.33 -51.71 22.76
CA LEU B 368 -18.23 -51.93 21.83
C LEU B 368 -17.85 -53.41 21.73
N GLU B 369 -18.10 -54.17 22.79
CA GLU B 369 -17.72 -55.58 22.81
C GLU B 369 -18.31 -56.41 21.67
N PRO B 370 -19.58 -56.29 21.30
CA PRO B 370 -20.12 -57.13 20.22
C PRO B 370 -19.41 -56.99 18.87
N VAL B 371 -18.76 -55.87 18.57
CA VAL B 371 -18.07 -55.69 17.30
C VAL B 371 -16.59 -55.50 17.53
N ARG B 372 -15.77 -56.05 16.64
CA ARG B 372 -14.33 -56.07 16.92
C ARG B 372 -13.44 -56.44 15.74
N GLU B 373 -13.66 -57.57 15.07
CA GLU B 373 -12.70 -57.93 14.01
C GLU B 373 -12.62 -56.82 12.96
N ALA B 374 -13.78 -56.43 12.41
CA ALA B 374 -13.78 -55.43 11.34
C ALA B 374 -13.41 -54.04 11.84
N LEU B 375 -13.91 -53.71 13.04
CA LEU B 375 -13.66 -52.41 13.66
C LEU B 375 -12.19 -52.17 13.98
N LEU B 376 -11.51 -53.17 14.54
CA LEU B 376 -10.10 -53.01 14.87
C LEU B 376 -9.25 -52.84 13.62
N GLN B 377 -9.64 -53.49 12.52
CA GLN B 377 -8.91 -53.31 11.27
C GLN B 377 -9.10 -51.89 10.72
N ALA B 378 -10.31 -51.34 10.89
CA ALA B 378 -10.62 -50.03 10.34
C ALA B 378 -9.97 -48.89 11.12
N THR B 379 -9.74 -49.05 12.43
CA THR B 379 -9.20 -47.97 13.23
C THR B 379 -7.74 -48.16 13.62
N GLU B 380 -7.19 -49.37 13.52
CA GLU B 380 -5.80 -49.64 13.90
C GLU B 380 -5.55 -49.33 15.37
N ALA B 381 -6.59 -49.35 16.20
CA ALA B 381 -6.43 -49.03 17.61
C ALA B 381 -5.62 -50.11 18.33
N ARG B 382 -4.88 -49.68 19.34
CA ARG B 382 -3.98 -50.55 20.09
C ARG B 382 -4.29 -50.49 21.58
N PRO B 383 -3.87 -51.50 22.34
CA PRO B 383 -4.11 -51.48 23.79
C PRO B 383 -3.56 -50.20 24.42
N GLY B 384 -4.35 -49.61 25.32
CA GLY B 384 -4.01 -48.31 25.86
C GLY B 384 -4.69 -47.14 25.18
N ASP B 385 -5.36 -47.36 24.05
CA ASP B 385 -6.05 -46.26 23.41
C ASP B 385 -7.38 -45.95 24.08
N THR B 386 -7.89 -44.76 23.81
CA THR B 386 -9.24 -44.34 24.16
C THR B 386 -10.03 -44.06 22.89
N LEU B 387 -11.19 -44.68 22.75
CA LEU B 387 -12.05 -44.45 21.60
C LEU B 387 -13.13 -43.43 21.95
N LEU B 388 -13.30 -42.45 21.07
CA LEU B 388 -14.34 -41.42 21.18
C LEU B 388 -15.27 -41.53 19.97
N PHE B 389 -16.55 -41.26 20.19
CA PHE B 389 -17.52 -41.37 19.10
C PHE B 389 -18.49 -40.19 19.14
N VAL B 390 -18.84 -39.69 17.97
CA VAL B 390 -19.98 -38.79 17.78
C VAL B 390 -20.91 -39.37 16.72
N ALA B 391 -22.19 -39.49 17.05
CA ALA B 391 -23.21 -39.97 16.13
C ALA B 391 -24.14 -38.82 15.75
N GLY B 392 -24.46 -38.71 14.47
CA GLY B 392 -25.40 -37.70 14.02
C GLY B 392 -25.37 -37.49 12.51
N PRO B 393 -25.97 -36.38 12.07
CA PRO B 393 -25.83 -35.97 10.67
C PRO B 393 -24.35 -35.89 10.27
N ARG B 394 -24.09 -36.16 8.98
CA ARG B 394 -22.71 -36.34 8.54
C ARG B 394 -21.88 -35.10 8.84
N LYS B 395 -22.41 -33.92 8.54
CA LYS B 395 -21.61 -32.71 8.71
C LYS B 395 -21.41 -32.41 10.20
N VAL B 396 -22.46 -32.60 11.00
CA VAL B 396 -22.34 -32.44 12.44
C VAL B 396 -21.34 -33.42 13.02
N ALA B 397 -21.49 -34.71 12.70
CA ALA B 397 -20.62 -35.73 13.27
C ALA B 397 -19.16 -35.49 12.93
N ALA B 398 -18.89 -35.06 11.70
CA ALA B 398 -17.52 -34.77 11.30
C ALA B 398 -16.98 -33.56 12.06
N THR B 399 -17.76 -32.47 12.07
CA THR B 399 -17.28 -31.22 12.65
C THR B 399 -17.06 -31.35 14.15
N ALA B 400 -17.95 -32.07 14.84
CA ALA B 400 -17.80 -32.19 16.29
C ALA B 400 -16.57 -33.01 16.66
N LEU B 401 -16.39 -34.16 16.01
CA LEU B 401 -15.25 -35.00 16.34
C LEU B 401 -13.94 -34.43 15.81
N GLY B 402 -14.01 -33.58 14.78
CA GLY B 402 -12.81 -32.87 14.34
C GLY B 402 -12.33 -31.84 15.34
N ALA B 403 -13.27 -31.16 16.01
CA ALA B 403 -12.87 -30.24 17.07
C ALA B 403 -12.36 -30.99 18.29
N VAL B 404 -12.96 -32.14 18.59
CA VAL B 404 -12.40 -33.02 19.62
C VAL B 404 -10.98 -33.43 19.25
N ARG B 405 -10.76 -33.76 17.98
CA ARG B 405 -9.41 -34.14 17.54
C ARG B 405 -8.41 -33.04 17.81
N LEU B 406 -8.77 -31.79 17.50
CA LEU B 406 -7.85 -30.68 17.72
C LEU B 406 -7.58 -30.47 19.21
N ARG B 407 -8.64 -30.49 20.02
CA ARG B 407 -8.47 -30.31 21.46
C ARG B 407 -7.61 -31.42 22.05
N ALA B 408 -7.80 -32.65 21.60
CA ALA B 408 -7.04 -33.77 22.16
C ALA B 408 -5.55 -33.65 21.88
N ALA B 409 -5.18 -33.03 20.76
CA ALA B 409 -3.77 -32.82 20.47
C ALA B 409 -3.10 -31.97 21.54
N ASP B 410 -3.81 -30.98 22.08
CA ASP B 410 -3.26 -30.16 23.15
C ASP B 410 -3.16 -30.93 24.45
N LEU B 411 -4.26 -31.60 24.84
CA LEU B 411 -4.26 -32.45 26.03
C LEU B 411 -3.13 -33.47 26.01
N LEU B 412 -2.87 -34.08 24.85
CA LEU B 412 -1.82 -35.10 24.79
C LEU B 412 -0.41 -34.54 24.69
N GLY B 413 -0.25 -33.21 24.58
CA GLY B 413 1.07 -32.64 24.38
C GLY B 413 1.83 -33.14 23.17
N LEU B 414 1.24 -33.07 21.98
CA LEU B 414 1.91 -33.58 20.79
C LEU B 414 2.84 -32.53 20.21
N LYS B 415 4.00 -32.99 19.73
CA LYS B 415 4.95 -32.12 19.05
C LYS B 415 4.43 -31.80 17.65
N ARG B 416 3.97 -30.57 17.46
CA ARG B 416 3.46 -30.09 16.19
C ARG B 416 4.46 -29.06 15.65
N GLU B 417 5.17 -29.41 14.60
CA GLU B 417 6.33 -28.65 14.13
C GLU B 417 6.16 -28.23 12.69
N GLY B 418 6.85 -27.13 12.34
CA GLY B 418 6.99 -26.74 10.95
C GLY B 418 5.75 -26.07 10.38
N PHE B 419 5.71 -26.07 9.05
CA PHE B 419 4.65 -25.41 8.28
C PHE B 419 4.06 -26.43 7.32
N ARG B 420 2.78 -26.75 7.50
CA ARG B 420 2.09 -27.73 6.67
C ARG B 420 0.97 -27.02 5.92
N PHE B 421 1.24 -26.68 4.66
CA PHE B 421 0.24 -26.08 3.78
C PHE B 421 -0.61 -27.15 3.11
N LEU B 422 -1.79 -26.75 2.67
CA LEU B 422 -2.59 -27.58 1.78
C LEU B 422 -3.65 -26.73 1.11
N TRP B 423 -4.11 -27.19 -0.05
CA TRP B 423 -5.23 -26.60 -0.74
C TRP B 423 -6.50 -27.36 -0.42
N VAL B 424 -7.59 -26.65 -0.14
CA VAL B 424 -8.92 -27.22 -0.04
C VAL B 424 -9.69 -26.75 -1.27
N VAL B 425 -10.15 -27.70 -2.08
CA VAL B 425 -10.72 -27.40 -3.39
C VAL B 425 -12.10 -28.05 -3.49
N ASP B 426 -12.80 -27.72 -4.58
CA ASP B 426 -14.13 -28.27 -4.86
C ASP B 426 -15.09 -27.97 -3.71
N PHE B 427 -15.13 -26.71 -3.30
CA PHE B 427 -16.13 -26.28 -2.33
C PHE B 427 -17.52 -26.33 -2.97
N PRO B 428 -18.54 -26.68 -2.21
CA PRO B 428 -19.91 -26.49 -2.71
C PRO B 428 -20.20 -25.01 -2.87
N LEU B 429 -20.98 -24.67 -3.89
CA LEU B 429 -21.35 -23.28 -4.10
C LEU B 429 -22.11 -22.72 -2.91
N LEU B 430 -22.82 -23.57 -2.17
CA LEU B 430 -23.68 -23.15 -1.08
C LEU B 430 -23.38 -23.95 0.17
N GLU B 431 -23.72 -23.36 1.32
CA GLU B 431 -23.56 -23.98 2.62
C GLU B 431 -24.88 -23.86 3.37
N TRP B 432 -25.32 -24.95 3.98
CA TRP B 432 -26.59 -24.98 4.69
C TRP B 432 -26.43 -24.39 6.07
N ASP B 433 -27.16 -23.30 6.35
CA ASP B 433 -27.14 -22.67 7.67
C ASP B 433 -28.05 -23.47 8.59
N GLU B 434 -27.46 -24.36 9.39
CA GLU B 434 -28.24 -25.16 10.31
C GLU B 434 -29.09 -24.29 11.24
N GLU B 435 -28.61 -23.08 11.53
CA GLU B 435 -29.36 -22.15 12.38
C GLU B 435 -30.55 -21.58 11.64
N GLU B 436 -30.31 -20.68 10.70
CA GLU B 436 -31.37 -20.00 9.97
C GLU B 436 -32.08 -20.90 8.96
N GLU B 437 -31.73 -22.18 8.88
CA GLU B 437 -32.33 -23.11 7.92
C GLU B 437 -32.43 -22.47 6.54
N ALA B 438 -31.28 -22.10 6.00
CA ALA B 438 -31.22 -21.39 4.73
C ALA B 438 -29.90 -21.68 4.04
N TRP B 439 -29.85 -21.34 2.75
CA TRP B 439 -28.63 -21.48 1.96
C TRP B 439 -27.84 -20.18 2.02
N THR B 440 -26.53 -20.29 2.25
CA THR B 440 -25.63 -19.16 2.18
C THR B 440 -24.38 -19.56 1.42
N TYR B 441 -23.76 -18.59 0.77
CA TYR B 441 -22.59 -18.84 -0.06
C TYR B 441 -21.35 -19.06 0.81
N MET B 442 -20.47 -19.95 0.34
CA MET B 442 -19.19 -20.16 1.02
C MET B 442 -18.15 -19.13 0.59
N HIS B 443 -18.13 -18.78 -0.70
CA HIS B 443 -17.31 -17.71 -1.23
C HIS B 443 -18.20 -16.70 -1.92
N HIS B 444 -17.67 -15.48 -2.10
CA HIS B 444 -18.44 -14.34 -2.55
C HIS B 444 -19.24 -14.67 -3.82
N PRO B 445 -20.32 -13.92 -4.10
CA PRO B 445 -21.25 -14.33 -5.17
C PRO B 445 -20.68 -14.25 -6.59
N PHE B 446 -19.45 -13.80 -6.77
CA PHE B 446 -18.85 -13.77 -8.10
C PHE B 446 -18.09 -15.06 -8.42
N THR B 447 -18.12 -16.04 -7.52
CA THR B 447 -17.47 -17.31 -7.77
C THR B 447 -18.19 -18.08 -8.88
N SER B 448 -17.41 -18.75 -9.71
CA SER B 448 -17.99 -19.51 -10.82
C SER B 448 -18.44 -20.88 -10.34
N PRO B 449 -19.68 -21.28 -10.61
CA PRO B 449 -20.04 -22.69 -10.42
C PRO B 449 -19.29 -23.57 -11.40
N HIS B 450 -19.14 -24.82 -11.03
CA HIS B 450 -18.53 -25.78 -11.95
C HIS B 450 -19.34 -25.82 -13.24
N PRO B 451 -18.72 -25.65 -14.40
CA PRO B 451 -19.52 -25.57 -15.65
C PRO B 451 -20.32 -26.83 -15.94
N GLU B 452 -19.87 -27.99 -15.45
CA GLU B 452 -20.64 -29.21 -15.63
C GLU B 452 -21.95 -29.18 -14.84
N ASP B 453 -22.08 -28.28 -13.87
CA ASP B 453 -23.22 -28.24 -12.97
C ASP B 453 -24.20 -27.13 -13.28
N LEU B 454 -23.99 -26.37 -14.35
CA LEU B 454 -24.88 -25.25 -14.64
C LEU B 454 -26.35 -25.67 -14.70
N PRO B 455 -26.74 -26.79 -15.32
CA PRO B 455 -28.16 -27.17 -15.30
C PRO B 455 -28.69 -27.49 -13.91
N LEU B 456 -27.82 -27.85 -12.96
CA LEU B 456 -28.26 -28.08 -11.59
C LEU B 456 -28.63 -26.80 -10.87
N LEU B 457 -28.29 -25.64 -11.42
CA LEU B 457 -28.66 -24.38 -10.78
C LEU B 457 -30.17 -24.29 -10.58
N GLU B 458 -30.94 -24.75 -11.55
CA GLU B 458 -32.39 -24.78 -11.44
C GLU B 458 -32.91 -26.09 -10.85
N LYS B 459 -32.36 -27.22 -11.29
CA LYS B 459 -32.83 -28.51 -10.83
C LYS B 459 -32.55 -28.72 -9.34
N ASP B 460 -31.27 -28.78 -8.97
CA ASP B 460 -30.87 -29.11 -7.60
C ASP B 460 -29.75 -28.18 -7.15
N PRO B 461 -30.11 -27.00 -6.61
CA PRO B 461 -29.07 -26.03 -6.21
C PRO B 461 -28.00 -26.58 -5.28
N GLY B 462 -28.37 -27.47 -4.36
CA GLY B 462 -27.44 -27.89 -3.31
C GLY B 462 -26.30 -28.77 -3.81
N ARG B 463 -26.42 -29.33 -5.01
CA ARG B 463 -25.37 -30.20 -5.54
C ARG B 463 -24.34 -29.44 -6.36
N VAL B 464 -24.52 -28.14 -6.59
CA VAL B 464 -23.64 -27.40 -7.49
C VAL B 464 -22.29 -27.19 -6.82
N ARG B 465 -21.23 -27.64 -7.49
CA ARG B 465 -19.87 -27.38 -7.04
C ARG B 465 -19.42 -25.99 -7.49
N ALA B 466 -18.43 -25.45 -6.80
CA ALA B 466 -17.86 -24.15 -7.11
C ALA B 466 -16.39 -24.31 -7.45
N LEU B 467 -15.91 -23.45 -8.35
CA LEU B 467 -14.50 -23.40 -8.70
C LEU B 467 -13.74 -22.50 -7.72
N ALA B 468 -13.81 -22.88 -6.44
CA ALA B 468 -13.22 -22.11 -5.36
C ALA B 468 -12.17 -22.95 -4.63
N TYR B 469 -11.32 -22.26 -3.87
CA TYR B 469 -10.20 -22.91 -3.21
C TYR B 469 -9.78 -22.07 -2.02
N ASP B 470 -9.33 -22.75 -0.96
CA ASP B 470 -8.76 -22.12 0.21
C ASP B 470 -7.35 -22.63 0.40
N LEU B 471 -6.45 -21.75 0.82
CA LEU B 471 -5.10 -22.13 1.23
C LEU B 471 -5.08 -22.22 2.75
N VAL B 472 -4.60 -23.35 3.26
CA VAL B 472 -4.62 -23.63 4.69
C VAL B 472 -3.19 -23.85 5.16
N LEU B 473 -2.86 -23.26 6.31
CA LEU B 473 -1.55 -23.43 6.93
C LEU B 473 -1.77 -23.81 8.39
N ASN B 474 -1.33 -25.00 8.77
CA ASN B 474 -1.39 -25.46 10.16
C ASN B 474 -2.79 -25.27 10.74
N GLY B 475 -3.81 -25.60 9.95
CA GLY B 475 -5.17 -25.52 10.41
C GLY B 475 -5.77 -24.13 10.42
N VAL B 476 -5.23 -23.21 9.61
CA VAL B 476 -5.69 -21.83 9.58
C VAL B 476 -5.87 -21.41 8.13
N GLU B 477 -7.01 -20.79 7.82
CA GLU B 477 -7.26 -20.26 6.49
C GLU B 477 -6.42 -19.01 6.29
N VAL B 478 -5.39 -19.11 5.43
CA VAL B 478 -4.56 -17.96 5.11
C VAL B 478 -4.90 -17.35 3.77
N GLY B 479 -5.62 -18.06 2.90
CA GLY B 479 -6.00 -17.52 1.62
C GLY B 479 -7.25 -18.19 1.08
N GLY B 480 -7.86 -17.52 0.11
CA GLY B 480 -9.06 -18.04 -0.52
C GLY B 480 -9.32 -17.32 -1.83
N GLY B 481 -9.85 -18.06 -2.80
CA GLY B 481 -10.13 -17.49 -4.09
C GLY B 481 -11.03 -18.41 -4.91
N SER B 482 -11.16 -18.08 -6.18
CA SER B 482 -12.04 -18.84 -7.07
C SER B 482 -11.90 -18.33 -8.49
N ILE B 483 -12.29 -19.18 -9.44
CA ILE B 483 -12.52 -18.72 -10.80
C ILE B 483 -13.84 -17.94 -10.83
N ARG B 484 -13.85 -16.83 -11.56
CA ARG B 484 -14.99 -15.93 -11.54
C ARG B 484 -15.95 -16.25 -12.69
N ILE B 485 -17.09 -15.57 -12.68
CA ILE B 485 -18.06 -15.63 -13.76
C ILE B 485 -17.76 -14.46 -14.70
N HIS B 486 -17.52 -14.77 -15.98
CA HIS B 486 -17.25 -13.74 -16.97
C HIS B 486 -18.39 -13.58 -17.99
N ASP B 487 -19.44 -14.39 -17.90
CA ASP B 487 -20.60 -14.23 -18.76
C ASP B 487 -21.70 -13.47 -18.02
N PRO B 488 -22.24 -12.39 -18.58
CA PRO B 488 -23.25 -11.62 -17.84
C PRO B 488 -24.54 -12.40 -17.60
N ARG B 489 -24.99 -13.21 -18.56
CA ARG B 489 -26.16 -14.03 -18.34
C ARG B 489 -26.01 -14.88 -17.08
N LEU B 490 -24.88 -15.59 -16.98
CA LEU B 490 -24.69 -16.52 -15.86
C LEU B 490 -24.60 -15.77 -14.53
N GLN B 491 -24.01 -14.58 -14.51
CA GLN B 491 -23.83 -13.87 -13.25
C GLN B 491 -25.17 -13.43 -12.68
N ALA B 492 -26.11 -13.02 -13.53
CA ALA B 492 -27.46 -12.70 -13.05
C ALA B 492 -28.16 -13.94 -12.54
N ARG B 493 -28.13 -15.01 -13.34
CA ARG B 493 -28.63 -16.32 -12.91
C ARG B 493 -28.19 -16.64 -11.49
N VAL B 494 -26.90 -16.56 -11.23
CA VAL B 494 -26.37 -16.89 -9.90
C VAL B 494 -26.86 -15.90 -8.86
N PHE B 495 -27.14 -14.64 -9.25
CA PHE B 495 -27.70 -13.69 -8.31
C PHE B 495 -29.13 -14.04 -7.95
N ARG B 496 -29.97 -14.29 -8.96
CA ARG B 496 -31.34 -14.73 -8.69
C ARG B 496 -31.36 -15.97 -7.80
N LEU B 497 -30.34 -16.83 -7.91
CA LEU B 497 -30.27 -18.02 -7.09
C LEU B 497 -29.88 -17.67 -5.65
N LEU B 498 -29.11 -16.61 -5.46
CA LEU B 498 -28.69 -16.18 -4.13
C LEU B 498 -29.66 -15.20 -3.49
N GLY B 499 -30.91 -15.17 -3.94
CA GLY B 499 -31.92 -14.29 -3.37
C GLY B 499 -31.64 -12.82 -3.65
N ILE B 500 -31.40 -12.49 -4.92
CA ILE B 500 -31.09 -11.14 -5.34
C ILE B 500 -31.79 -10.90 -6.67
N GLY B 501 -32.81 -10.02 -6.67
CA GLY B 501 -33.59 -9.76 -7.86
C GLY B 501 -33.00 -8.64 -8.70
N GLU B 502 -33.68 -8.37 -9.83
CA GLU B 502 -33.21 -7.35 -10.76
C GLU B 502 -33.00 -6.00 -10.08
N GLU B 503 -33.73 -5.72 -9.00
CA GLU B 503 -33.61 -4.44 -8.34
C GLU B 503 -32.27 -4.32 -7.62
N GLU B 504 -31.99 -5.27 -6.71
CA GLU B 504 -30.73 -5.23 -5.98
C GLU B 504 -29.54 -5.36 -6.94
N GLN B 505 -29.70 -6.11 -8.03
CA GLN B 505 -28.60 -6.27 -8.98
C GLN B 505 -28.19 -4.93 -9.58
N ARG B 506 -29.16 -4.21 -10.16
CA ARG B 506 -28.84 -2.94 -10.81
C ARG B 506 -28.27 -1.93 -9.82
N GLU B 507 -28.83 -1.89 -8.60
CA GLU B 507 -28.40 -0.90 -7.63
C GLU B 507 -27.01 -1.23 -7.08
N LYS B 508 -26.78 -2.49 -6.74
CA LYS B 508 -25.54 -2.88 -6.08
C LYS B 508 -24.44 -3.27 -7.06
N PHE B 509 -24.78 -3.83 -8.23
CA PHE B 509 -23.77 -4.34 -9.14
C PHE B 509 -24.05 -3.98 -10.60
N GLY B 510 -24.86 -2.94 -10.85
CA GLY B 510 -25.20 -2.61 -12.22
C GLY B 510 -23.99 -2.29 -13.07
N PHE B 511 -23.09 -1.45 -12.55
CA PHE B 511 -21.91 -1.06 -13.33
C PHE B 511 -21.08 -2.27 -13.73
N PHE B 512 -20.99 -3.26 -12.84
CA PHE B 512 -20.14 -4.42 -13.11
C PHE B 512 -20.80 -5.37 -14.11
N LEU B 513 -22.11 -5.57 -13.99
CA LEU B 513 -22.80 -6.45 -14.93
C LEU B 513 -22.74 -5.88 -16.35
N GLU B 514 -22.79 -4.55 -16.49
CA GLU B 514 -22.61 -3.97 -17.81
C GLU B 514 -21.18 -4.17 -18.31
N ALA B 515 -20.20 -4.13 -17.41
CA ALA B 515 -18.83 -4.36 -17.81
C ALA B 515 -18.65 -5.75 -18.41
N LEU B 516 -19.35 -6.74 -17.87
CA LEU B 516 -19.27 -8.10 -18.41
C LEU B 516 -19.85 -8.19 -19.81
N GLU B 517 -20.60 -7.19 -20.26
CA GLU B 517 -21.19 -7.21 -21.59
C GLU B 517 -20.24 -6.74 -22.68
N TYR B 518 -19.06 -6.22 -22.33
CA TYR B 518 -18.11 -5.69 -23.29
C TYR B 518 -16.93 -6.63 -23.51
N GLY B 519 -17.15 -7.93 -23.35
CA GLY B 519 -16.12 -8.90 -23.62
C GLY B 519 -15.17 -9.11 -22.46
N ALA B 520 -15.65 -9.78 -21.42
CA ALA B 520 -14.80 -10.09 -20.28
C ALA B 520 -14.11 -11.43 -20.51
N PRO B 521 -12.80 -11.53 -20.22
CA PRO B 521 -12.12 -12.80 -20.40
C PRO B 521 -12.36 -13.73 -19.24
N PRO B 522 -12.07 -15.03 -19.38
CA PRO B 522 -12.03 -15.90 -18.21
C PRO B 522 -10.95 -15.42 -17.26
N HIS B 523 -11.24 -15.45 -15.97
CA HIS B 523 -10.28 -14.99 -14.98
C HIS B 523 -10.61 -15.57 -13.62
N GLY B 524 -9.61 -15.55 -12.75
CA GLY B 524 -9.74 -15.98 -11.38
C GLY B 524 -8.57 -15.45 -10.58
N GLY B 525 -8.68 -15.57 -9.28
CA GLY B 525 -7.61 -15.08 -8.43
C GLY B 525 -7.73 -15.58 -7.01
N ILE B 526 -7.07 -14.87 -6.11
CA ILE B 526 -6.95 -15.29 -4.72
C ILE B 526 -6.57 -14.09 -3.88
N ALA B 527 -6.71 -14.23 -2.56
CA ALA B 527 -6.24 -13.21 -1.63
C ALA B 527 -5.69 -13.90 -0.39
N TRP B 528 -4.49 -13.51 0.03
CA TRP B 528 -3.92 -13.98 1.28
C TRP B 528 -4.29 -13.05 2.42
N GLY B 529 -4.44 -13.62 3.62
CA GLY B 529 -4.47 -12.84 4.83
C GLY B 529 -3.06 -12.59 5.32
N LEU B 530 -2.49 -11.45 4.91
CA LEU B 530 -1.06 -11.24 5.12
C LEU B 530 -0.70 -11.17 6.59
N ASP B 531 -1.48 -10.43 7.39
CA ASP B 531 -1.22 -10.37 8.82
C ASP B 531 -1.30 -11.76 9.45
N ARG B 532 -2.33 -12.52 9.07
N ARG B 532 -2.30 -12.54 9.06
CA ARG B 532 -2.50 -13.89 9.57
CA ARG B 532 -2.46 -13.87 9.62
C ARG B 532 -1.27 -14.73 9.25
C ARG B 532 -1.27 -14.75 9.25
N LEU B 533 -0.85 -14.72 7.98
CA LEU B 533 0.30 -15.51 7.57
C LEU B 533 1.55 -15.11 8.35
N LEU B 534 1.76 -13.80 8.55
CA LEU B 534 2.95 -13.35 9.27
C LEU B 534 2.90 -13.77 10.73
N ALA B 535 1.71 -13.74 11.35
CA ALA B 535 1.59 -14.22 12.72
C ALA B 535 2.00 -15.68 12.83
N LEU B 536 1.57 -16.51 11.88
CA LEU B 536 1.97 -17.91 11.88
C LEU B 536 3.47 -18.06 11.65
N MET B 537 4.03 -17.26 10.75
CA MET B 537 5.45 -17.38 10.44
C MET B 537 6.32 -17.04 11.65
N THR B 538 5.82 -16.20 12.55
CA THR B 538 6.59 -15.77 13.72
C THR B 538 6.12 -16.45 15.01
N GLY B 539 5.21 -17.41 14.93
CA GLY B 539 4.68 -18.03 16.12
C GLY B 539 3.97 -17.07 17.04
N SER B 540 3.40 -15.99 16.50
CA SER B 540 2.72 -15.01 17.32
C SER B 540 1.28 -15.48 17.62
N PRO B 541 0.77 -15.22 18.83
CA PRO B 541 -0.61 -15.60 19.13
C PRO B 541 -1.65 -14.66 18.57
N SER B 542 -1.26 -13.49 18.06
CA SER B 542 -2.20 -12.50 17.57
C SER B 542 -1.55 -11.72 16.43
N ILE B 543 -2.38 -11.31 15.46
CA ILE B 543 -1.89 -10.47 14.38
C ILE B 543 -1.45 -9.10 14.87
N ARG B 544 -1.82 -8.73 16.09
CA ARG B 544 -1.37 -7.46 16.65
C ARG B 544 0.14 -7.41 16.82
N GLU B 545 0.80 -8.57 16.90
CA GLU B 545 2.23 -8.63 17.08
C GLU B 545 3.01 -8.38 15.79
N VAL B 546 2.35 -8.39 14.64
CA VAL B 546 2.99 -8.18 13.35
C VAL B 546 2.43 -6.96 12.62
N ILE B 547 1.64 -6.14 13.32
CA ILE B 547 1.15 -4.86 12.80
C ILE B 547 1.80 -3.77 13.64
N ALA B 548 2.29 -2.72 12.96
CA ALA B 548 3.05 -1.69 13.65
C ALA B 548 2.20 -0.98 14.70
N PHE B 549 1.02 -0.50 14.30
CA PHE B 549 0.15 0.28 15.17
C PHE B 549 -1.28 -0.28 15.08
N PRO B 550 -1.53 -1.42 15.72
CA PRO B 550 -2.86 -2.03 15.65
C PRO B 550 -3.81 -1.44 16.68
N LYS B 551 -5.07 -1.82 16.54
CA LYS B 551 -6.10 -1.50 17.53
C LYS B 551 -6.13 -2.59 18.60
N ASN B 552 -6.79 -2.28 19.72
CA ASN B 552 -7.02 -3.28 20.75
C ASN B 552 -8.26 -4.09 20.36
N LYS B 553 -8.73 -4.93 21.29
CA LYS B 553 -9.79 -5.88 20.95
C LYS B 553 -11.12 -5.19 20.70
N GLU B 554 -11.34 -3.99 21.24
CA GLU B 554 -12.54 -3.21 20.97
C GLU B 554 -12.39 -2.32 19.75
N GLY B 555 -11.32 -2.49 18.97
CA GLY B 555 -11.11 -1.64 17.82
C GLY B 555 -10.73 -0.22 18.14
N LYS B 556 -10.14 0.02 19.32
CA LYS B 556 -9.76 1.35 19.76
C LYS B 556 -8.25 1.48 19.76
N ASP B 557 -7.77 2.72 19.62
CA ASP B 557 -6.35 3.03 19.62
C ASP B 557 -6.02 3.82 20.88
N PRO B 558 -5.53 3.18 21.95
CA PRO B 558 -5.22 3.94 23.17
C PRO B 558 -4.07 4.92 23.00
N LEU B 559 -3.23 4.74 22.00
CA LEU B 559 -2.12 5.67 21.79
C LEU B 559 -2.63 7.02 21.30
N THR B 560 -3.47 7.02 20.26
CA THR B 560 -3.94 8.26 19.66
C THR B 560 -5.27 8.73 20.25
N GLY B 561 -5.99 7.87 20.94
CA GLY B 561 -7.30 8.21 21.45
C GLY B 561 -8.44 7.98 20.48
N ALA B 562 -8.17 7.34 19.33
CA ALA B 562 -9.21 7.06 18.37
C ALA B 562 -9.90 5.74 18.70
N PRO B 563 -11.22 5.61 18.45
CA PRO B 563 -12.10 6.64 17.92
C PRO B 563 -12.48 7.65 19.00
N SER B 564 -12.91 8.84 18.59
CA SER B 564 -13.20 9.91 19.54
C SER B 564 -14.35 10.74 18.99
N PRO B 565 -14.92 11.62 19.81
CA PRO B 565 -15.96 12.53 19.30
C PRO B 565 -15.33 13.61 18.44
N VAL B 566 -16.20 14.38 17.79
CA VAL B 566 -15.76 15.52 16.98
C VAL B 566 -16.64 16.71 17.33
N PRO B 567 -16.16 17.93 17.09
CA PRO B 567 -16.94 19.12 17.44
C PRO B 567 -18.34 19.06 16.85
N GLU B 568 -19.31 19.58 17.61
CA GLU B 568 -20.67 19.67 17.09
C GLU B 568 -20.68 20.41 15.75
N GLU B 569 -19.83 21.43 15.60
CA GLU B 569 -19.78 22.18 14.35
C GLU B 569 -19.39 21.27 13.20
N GLN B 570 -18.35 20.45 13.38
CA GLN B 570 -17.92 19.57 12.31
C GLN B 570 -19.00 18.57 11.93
N LEU B 571 -19.81 18.13 12.89
CA LEU B 571 -20.84 17.14 12.59
C LEU B 571 -22.03 17.78 11.90
N ARG B 572 -22.38 19.01 12.26
CA ARG B 572 -23.45 19.71 11.55
C ARG B 572 -23.08 19.96 10.09
N GLU B 573 -21.79 20.20 9.82
CA GLU B 573 -21.36 20.48 8.46
C GLU B 573 -21.62 19.29 7.54
N LEU B 574 -21.54 18.07 8.07
CA LEU B 574 -21.87 16.88 7.30
C LEU B 574 -23.37 16.63 7.21
N GLY B 575 -24.19 17.48 7.85
CA GLY B 575 -25.62 17.28 7.85
C GLY B 575 -26.07 16.02 8.54
N LEU B 576 -25.39 15.62 9.61
CA LEU B 576 -25.71 14.42 10.36
C LEU B 576 -25.77 14.75 11.84
N MET B 577 -26.54 13.96 12.59
CA MET B 577 -26.63 14.09 14.04
C MET B 577 -26.72 12.71 14.65
N VAL B 578 -26.45 12.65 15.95
CA VAL B 578 -26.52 11.40 16.70
C VAL B 578 -27.97 11.15 17.10
N VAL B 579 -28.48 9.96 16.77
CA VAL B 579 -29.83 9.60 17.16
C VAL B 579 -29.93 9.55 18.68
N ARG B 580 -30.91 10.24 19.23
CA ARG B 580 -31.09 10.25 20.68
C ARG B 580 -31.74 8.94 21.12
N PRO B 581 -31.17 8.24 22.13
CA PRO B 581 -31.77 6.98 22.56
C PRO B 581 -33.13 7.16 23.21
#